data_7VO1
#
_entry.id   7VO1
#
_cell.length_a   113.740
_cell.length_b   113.740
_cell.length_c   290.652
_cell.angle_alpha   90.000
_cell.angle_beta   90.000
_cell.angle_gamma   120.000
#
_symmetry.space_group_name_H-M   'P 65 2 2'
#
loop_
_entity.id
_entity.type
_entity.pdbx_description
1 polymer '454aa long hypothetical 4-aminobutyrate aminotransferase'
2 non-polymer 'N-({3-hydroxy-2-methyl-5-[(phosphonooxy)methyl]pyridin-4-yl}methyl)-L-glutamic acid'
3 water water
#
_entity_poly.entity_id   1
_entity_poly.type   'polypeptide(L)'
_entity_poly.pdbx_seq_one_letter_code
;MELKPNVKEIPGPKARKVIEEHHKYMATTTNDPNEYFLVIERAEGVYWIDVDGNVLLDFSSGIGVMNVGLRNPKVIEAIK
KQLDLVLHAAGTDYYNPYQVELAKKLVEIAPGDIERKVFLSNSGTEANEAALKIAKWSTNRKMFIAFIGAFHGRTHGTMS
LTASKPVQRSRMFPTMPGVVHVPYPNPYRNPWGIDGYENPDELINRVIDYIEEYLFEHYVPAEEVAGIFFEPIQGEGGYV
VPPKNFFKELKKLADKHGILLIDDEVQMGMGRTGRMWAIEHFDIVPDIVTVAKALGGGIPIGATIFRADLDFGVSGVHSN
TFGGNTVAAAAALAVIEELQNGLIENAQKLEPLFRERLEEMKEKYEIIGDVRGLGLAWGVEFVKDRKTKEYATKERGEIV
VEALKRGLALLGCGKSAIRLIPPLIISEEEAKMGLDIFEEAIKVVSERHGYKIH
;
_entity_poly.pdbx_strand_id   A,B
#
# COMPACT_ATOMS: atom_id res chain seq x y z
N LEU A 3 -20.40 27.10 11.06
CA LEU A 3 -20.34 26.34 9.77
C LEU A 3 -21.63 25.56 9.54
N LYS A 4 -22.44 25.99 8.57
CA LYS A 4 -23.66 25.30 8.09
C LYS A 4 -23.44 24.95 6.62
N PRO A 5 -24.25 24.02 6.03
CA PRO A 5 -24.21 23.78 4.59
C PRO A 5 -24.46 25.12 3.88
N ASN A 6 -23.67 25.43 2.86
CA ASN A 6 -23.80 26.69 2.12
C ASN A 6 -23.08 26.64 0.79
N VAL A 7 -23.82 26.39 -0.30
CA VAL A 7 -23.21 26.30 -1.63
C VAL A 7 -23.84 27.22 -2.66
N LYS A 8 -23.23 28.38 -2.88
CA LYS A 8 -23.75 29.31 -3.87
C LYS A 8 -23.64 28.85 -5.33
N GLU A 9 -22.55 28.15 -5.65
CA GLU A 9 -22.33 27.66 -6.99
C GLU A 9 -21.29 26.55 -7.04
N ILE A 10 -21.48 25.57 -7.91
CA ILE A 10 -20.55 24.45 -7.96
C ILE A 10 -20.68 23.72 -9.29
N PRO A 11 -19.55 23.42 -9.95
CA PRO A 11 -18.16 23.74 -9.61
C PRO A 11 -17.79 25.21 -9.78
N GLY A 12 -17.00 25.71 -8.83
CA GLY A 12 -16.52 27.08 -8.84
C GLY A 12 -15.37 27.29 -9.81
N PRO A 13 -15.10 28.56 -10.17
CA PRO A 13 -14.00 28.88 -11.07
C PRO A 13 -12.69 28.26 -10.60
N LYS A 14 -12.45 28.24 -9.29
CA LYS A 14 -11.18 27.65 -8.77
C LYS A 14 -11.24 26.12 -8.92
N ALA A 15 -12.33 25.51 -8.44
CA ALA A 15 -12.65 24.06 -8.57
C ALA A 15 -12.64 23.64 -10.05
N ARG A 16 -13.01 24.52 -10.98
CA ARG A 16 -13.05 24.18 -12.42
C ARG A 16 -11.60 24.05 -12.93
N LYS A 17 -10.67 24.78 -12.30
CA LYS A 17 -9.26 24.91 -12.80
C LYS A 17 -8.47 23.69 -12.34
N VAL A 18 -8.79 23.23 -11.12
CA VAL A 18 -8.21 22.01 -10.48
C VAL A 18 -8.61 20.80 -11.34
N ILE A 19 -9.90 20.65 -11.65
CA ILE A 19 -10.51 19.58 -12.49
C ILE A 19 -9.88 19.58 -13.90
N GLU A 20 -9.54 20.72 -14.45
CA GLU A 20 -8.83 20.82 -15.76
C GLU A 20 -7.42 20.28 -15.58
N GLU A 21 -6.70 20.80 -14.57
CA GLU A 21 -5.29 20.43 -14.24
C GLU A 21 -5.18 18.91 -13.96
N HIS A 22 -6.06 18.35 -13.10
CA HIS A 22 -6.13 16.93 -12.68
C HIS A 22 -6.16 16.01 -13.90
N HIS A 23 -6.87 16.40 -14.96
CA HIS A 23 -6.95 15.66 -16.23
C HIS A 23 -5.62 15.78 -16.98
N LYS A 24 -4.83 16.82 -16.73
CA LYS A 24 -3.57 17.07 -17.48
C LYS A 24 -2.47 16.09 -17.02
N TYR A 25 -2.42 15.87 -15.70
CA TYR A 25 -1.28 15.26 -14.96
C TYR A 25 -1.67 14.03 -14.13
N MET A 26 -2.91 13.52 -14.20
CA MET A 26 -3.30 12.39 -13.32
C MET A 26 -4.08 11.32 -14.10
N ALA A 27 -3.86 10.06 -13.71
CA ALA A 27 -4.36 8.85 -14.40
C ALA A 27 -5.87 8.80 -14.23
N THR A 28 -6.54 8.21 -15.24
CA THR A 28 -7.98 7.86 -15.20
C THR A 28 -8.19 6.70 -14.20
N THR A 29 -8.79 7.06 -13.05
CA THR A 29 -9.04 6.18 -11.88
C THR A 29 -10.55 5.97 -11.70
N THR A 30 -11.14 6.57 -10.67
CA THR A 30 -12.62 6.56 -10.44
C THR A 30 -13.15 8.00 -10.40
N ASN A 31 -12.35 9.02 -10.75
CA ASN A 31 -12.82 10.43 -10.73
C ASN A 31 -13.98 10.57 -11.72
N ASP A 32 -14.92 11.50 -11.43
CA ASP A 32 -16.04 11.81 -12.37
C ASP A 32 -16.31 13.31 -12.37
N PRO A 33 -15.71 14.05 -13.32
CA PRO A 33 -15.88 15.50 -13.49
C PRO A 33 -17.33 15.95 -13.35
N ASN A 34 -18.21 15.42 -14.19
CA ASN A 34 -19.63 15.74 -14.08
C ASN A 34 -20.33 15.22 -12.81
N GLU A 35 -20.11 13.95 -12.47
CA GLU A 35 -20.73 13.35 -11.27
C GLU A 35 -20.24 13.79 -9.90
N TYR A 36 -18.93 13.95 -9.76
CA TYR A 36 -18.36 14.32 -8.48
C TYR A 36 -17.42 15.51 -8.61
N PHE A 37 -18.00 16.67 -8.88
CA PHE A 37 -17.21 17.89 -9.00
C PHE A 37 -17.09 18.55 -7.63
N LEU A 38 -16.36 17.90 -6.72
CA LEU A 38 -16.17 18.42 -5.38
C LEU A 38 -14.67 18.54 -5.20
N VAL A 39 -14.20 19.77 -5.04
CA VAL A 39 -12.72 20.00 -4.92
C VAL A 39 -12.44 20.54 -3.52
N ILE A 40 -12.00 19.65 -2.62
CA ILE A 40 -11.82 19.92 -1.18
C ILE A 40 -10.52 20.73 -1.02
N GLU A 41 -10.57 21.78 -0.20
CA GLU A 41 -9.35 22.52 0.19
C GLU A 41 -9.07 22.30 1.68
N ARG A 42 -10.11 22.19 2.51
CA ARG A 42 -9.96 21.89 3.95
C ARG A 42 -11.26 21.27 4.48
N ALA A 43 -11.27 20.91 5.77
CA ALA A 43 -12.46 20.37 6.47
C ALA A 43 -12.48 20.84 7.92
N GLU A 44 -13.58 20.62 8.61
CA GLU A 44 -13.75 21.00 9.99
C GLU A 44 -15.01 20.31 10.46
N GLY A 45 -14.92 19.55 11.54
CA GLY A 45 -16.08 18.83 12.03
C GLY A 45 -16.54 17.89 10.96
N VAL A 46 -17.83 17.94 10.64
CA VAL A 46 -18.39 17.08 9.62
C VAL A 46 -18.65 17.84 8.33
N TYR A 47 -17.87 18.88 8.07
CA TYR A 47 -18.07 19.72 6.86
C TYR A 47 -16.79 19.82 6.01
N TRP A 48 -16.90 19.52 4.70
CA TRP A 48 -15.88 19.86 3.67
C TRP A 48 -15.96 21.35 3.33
N ILE A 49 -14.85 22.08 3.29
CA ILE A 49 -14.83 23.47 2.71
C ILE A 49 -14.12 23.43 1.36
N ASP A 50 -14.85 23.70 0.26
CA ASP A 50 -14.31 23.50 -1.10
C ASP A 50 -13.37 24.65 -1.39
N VAL A 51 -12.82 24.69 -2.61
CA VAL A 51 -11.79 25.69 -3.04
C VAL A 51 -12.45 27.05 -3.30
N ASP A 52 -13.74 27.08 -3.69
CA ASP A 52 -14.46 28.34 -4.02
C ASP A 52 -15.24 28.83 -2.79
N GLY A 53 -15.13 28.13 -1.67
CA GLY A 53 -15.65 28.58 -0.36
C GLY A 53 -16.94 27.89 0.04
N ASN A 54 -17.52 27.08 -0.86
CA ASN A 54 -18.79 26.32 -0.61
C ASN A 54 -18.56 25.38 0.58
N VAL A 55 -19.56 25.20 1.46
CA VAL A 55 -19.51 24.38 2.71
C VAL A 55 -20.55 23.23 2.65
N LEU A 56 -20.10 21.97 2.73
CA LEU A 56 -20.96 20.78 2.50
C LEU A 56 -20.92 19.86 3.73
N LEU A 57 -22.08 19.59 4.32
CA LEU A 57 -22.23 18.48 5.29
C LEU A 57 -21.74 17.22 4.58
N ASP A 58 -20.98 16.39 5.31
CA ASP A 58 -20.33 15.16 4.80
C ASP A 58 -21.10 13.89 5.17
N PHE A 59 -21.42 13.07 4.18
CA PHE A 59 -22.15 11.77 4.30
C PHE A 59 -21.37 10.69 3.51
N SER A 60 -20.07 10.92 3.39
CA SER A 60 -19.20 10.03 2.65
C SER A 60 -18.05 9.62 3.54
N SER A 61 -17.66 10.53 4.41
CA SER A 61 -16.55 10.33 5.34
C SER A 61 -15.27 9.92 4.63
N GLY A 62 -14.96 10.61 3.52
CA GLY A 62 -13.76 10.31 2.76
C GLY A 62 -13.69 8.85 2.37
N ILE A 63 -14.80 8.34 1.84
CA ILE A 63 -14.97 6.93 1.44
C ILE A 63 -14.83 5.97 2.63
N GLY A 64 -15.28 6.42 3.80
CA GLY A 64 -15.22 5.65 5.02
C GLY A 64 -13.89 5.70 5.74
N VAL A 65 -12.97 6.52 5.22
CA VAL A 65 -11.66 6.65 5.82
C VAL A 65 -11.70 7.38 7.15
N MET A 66 -12.61 8.34 7.29
CA MET A 66 -12.74 9.09 8.53
C MET A 66 -14.02 8.70 9.27
N ASN A 67 -13.85 8.06 10.42
CA ASN A 67 -14.98 7.61 11.21
C ASN A 67 -14.96 8.41 12.49
N VAL A 68 -13.78 8.98 12.75
CA VAL A 68 -13.59 9.81 13.99
C VAL A 68 -13.90 11.27 13.66
N GLY A 69 -13.99 11.64 12.38
CA GLY A 69 -14.17 13.03 11.92
C GLY A 69 -13.14 13.38 10.87
N LEU A 70 -13.36 14.50 10.16
CA LEU A 70 -12.62 14.90 8.93
C LEU A 70 -11.30 15.56 9.32
N ARG A 71 -11.21 16.01 10.57
CA ARG A 71 -9.96 16.54 11.18
C ARG A 71 -10.01 16.40 12.70
N ASN A 72 -9.99 15.17 13.20
CA ASN A 72 -10.04 14.87 14.67
C ASN A 72 -8.87 15.59 15.36
N PRO A 73 -9.14 16.44 16.40
CA PRO A 73 -8.09 17.04 17.23
C PRO A 73 -7.08 16.10 17.92
N LYS A 74 -7.61 15.07 18.61
CA LYS A 74 -6.85 13.99 19.33
C LYS A 74 -5.93 13.28 18.34
N VAL A 75 -6.38 13.11 17.09
CA VAL A 75 -5.62 12.43 16.00
C VAL A 75 -4.51 13.36 15.49
N ILE A 76 -4.70 14.68 15.47
CA ILE A 76 -3.67 15.59 14.89
C ILE A 76 -2.63 15.90 15.95
N GLU A 77 -3.05 15.93 17.22
CA GLU A 77 -2.14 16.10 18.38
C GLU A 77 -1.19 14.89 18.45
N ALA A 78 -1.71 13.69 18.20
CA ALA A 78 -0.97 12.40 18.27
C ALA A 78 0.07 12.34 17.15
N ILE A 79 -0.23 12.91 15.97
CA ILE A 79 0.68 12.92 14.78
C ILE A 79 1.78 13.94 15.03
N LYS A 80 1.38 15.15 15.44
CA LYS A 80 2.28 16.26 15.84
C LYS A 80 3.28 15.75 16.89
N LYS A 81 2.80 15.03 17.91
CA LYS A 81 3.58 14.54 19.09
C LYS A 81 4.60 13.50 18.60
N GLN A 82 4.22 12.79 17.53
CA GLN A 82 4.98 11.67 16.91
C GLN A 82 5.90 12.18 15.79
N LEU A 83 5.70 13.43 15.37
CA LEU A 83 6.56 14.02 14.35
C LEU A 83 7.85 14.42 15.06
N ASP A 84 7.73 14.78 16.34
CA ASP A 84 8.86 15.18 17.16
C ASP A 84 9.87 14.06 17.41
N LEU A 85 9.40 12.84 17.62
CA LEU A 85 10.33 11.75 17.88
C LEU A 85 10.84 11.03 16.64
N VAL A 86 9.96 10.34 15.91
CA VAL A 86 10.39 9.65 14.70
C VAL A 86 9.26 9.41 13.71
N LEU A 87 9.54 9.55 12.43
CA LEU A 87 8.51 9.34 11.42
C LEU A 87 8.56 7.90 10.94
N HIS A 88 9.73 7.50 10.46
CA HIS A 88 9.97 6.14 9.96
C HIS A 88 11.16 5.50 10.68
N ALA A 89 11.02 4.23 11.02
CA ALA A 89 12.07 3.44 11.73
C ALA A 89 12.15 2.00 11.17
N ALA A 90 12.10 1.88 9.83
CA ALA A 90 12.15 0.62 9.05
C ALA A 90 11.61 -0.52 9.92
N GLY A 91 10.32 -0.50 10.26
CA GLY A 91 9.70 -1.31 11.34
C GLY A 91 9.69 -2.80 11.08
N THR A 92 10.28 -3.24 9.95
CA THR A 92 10.40 -4.66 9.49
C THR A 92 11.84 -5.19 9.62
N ASP A 93 12.85 -4.30 9.74
CA ASP A 93 14.30 -4.64 9.86
C ASP A 93 14.73 -4.42 11.32
N TYR A 94 14.68 -3.15 11.75
CA TYR A 94 14.88 -2.68 13.15
C TYR A 94 13.51 -2.75 13.86
N TYR A 95 13.46 -2.43 15.15
CA TYR A 95 12.21 -2.41 15.94
C TYR A 95 11.81 -0.95 16.19
N ASN A 96 10.63 -0.72 16.78
CA ASN A 96 10.16 0.58 17.36
C ASN A 96 8.90 0.32 18.18
N PRO A 97 8.75 0.92 19.38
CA PRO A 97 7.70 0.50 20.32
C PRO A 97 6.27 0.83 19.83
N TYR A 98 6.17 1.87 19.02
CA TYR A 98 4.88 2.47 18.55
C TYR A 98 4.06 1.39 17.84
N GLN A 99 4.67 0.70 16.89
CA GLN A 99 4.03 -0.35 16.05
C GLN A 99 3.66 -1.53 16.95
N VAL A 100 4.53 -1.89 17.90
CA VAL A 100 4.26 -2.96 18.91
C VAL A 100 3.07 -2.53 19.78
N GLU A 101 3.02 -1.27 20.22
CA GLU A 101 1.90 -0.72 21.02
C GLU A 101 0.60 -0.86 20.24
N LEU A 102 0.62 -0.59 18.92
CA LEU A 102 -0.56 -0.75 18.04
C LEU A 102 -0.92 -2.24 17.89
N ALA A 103 0.06 -3.09 17.56
CA ALA A 103 -0.18 -4.53 17.36
C ALA A 103 -0.90 -5.08 18.60
N LYS A 104 -0.33 -4.84 19.78
CA LYS A 104 -0.88 -5.30 21.10
C LYS A 104 -2.31 -4.80 21.25
N LYS A 105 -2.58 -3.54 20.87
CA LYS A 105 -3.94 -2.93 20.95
C LYS A 105 -4.87 -3.65 19.98
N LEU A 106 -4.42 -3.85 18.74
CA LEU A 106 -5.25 -4.49 17.68
C LEU A 106 -5.61 -5.92 18.08
N VAL A 107 -4.63 -6.72 18.49
CA VAL A 107 -4.83 -8.09 19.05
C VAL A 107 -5.95 -8.01 20.10
N GLU A 108 -5.89 -6.99 20.97
CA GLU A 108 -6.72 -6.88 22.19
C GLU A 108 -8.18 -6.73 21.78
N ILE A 109 -8.46 -5.84 20.83
CA ILE A 109 -9.82 -5.43 20.38
C ILE A 109 -10.36 -6.35 19.28
N ALA A 110 -9.57 -7.32 18.82
CA ALA A 110 -9.95 -8.31 17.79
C ALA A 110 -11.28 -8.96 18.12
N PRO A 111 -12.02 -9.45 17.09
CA PRO A 111 -13.16 -10.34 17.32
C PRO A 111 -12.83 -11.61 18.09
N GLY A 112 -13.77 -12.01 18.95
CA GLY A 112 -13.71 -13.20 19.81
C GLY A 112 -12.77 -13.00 20.97
N ASP A 113 -12.29 -14.09 21.53
CA ASP A 113 -11.28 -14.07 22.62
C ASP A 113 -10.31 -15.23 22.34
N ILE A 114 -9.50 -15.11 21.31
CA ILE A 114 -8.61 -16.22 20.87
C ILE A 114 -7.22 -15.64 20.65
N GLU A 115 -6.28 -16.57 20.44
CA GLU A 115 -4.85 -16.32 20.15
C GLU A 115 -4.78 -15.59 18.81
N ARG A 116 -4.12 -14.43 18.77
CA ARG A 116 -4.04 -13.52 17.61
C ARG A 116 -2.59 -13.05 17.44
N LYS A 117 -2.18 -12.81 16.19
CA LYS A 117 -1.00 -11.95 15.86
C LYS A 117 -1.41 -10.95 14.78
N VAL A 118 -0.51 -10.00 14.48
CA VAL A 118 -0.81 -8.81 13.64
C VAL A 118 0.33 -8.53 12.66
N PHE A 119 -0.01 -8.33 11.39
CA PHE A 119 0.92 -7.91 10.33
C PHE A 119 0.50 -6.47 10.00
N LEU A 120 1.46 -5.62 9.64
CA LEU A 120 1.14 -4.22 9.33
C LEU A 120 1.32 -3.87 7.86
N SER A 121 0.40 -3.07 7.34
CA SER A 121 0.39 -2.68 5.93
C SER A 121 0.07 -1.19 5.73
N ASN A 122 0.08 -0.76 4.49
CA ASN A 122 -0.22 0.64 4.23
C ASN A 122 -1.64 0.86 3.70
N SER A 123 -2.33 -0.22 3.34
CA SER A 123 -3.71 -0.10 2.84
C SER A 123 -4.52 -1.41 2.86
N GLY A 124 -5.83 -1.29 2.68
CA GLY A 124 -6.72 -2.46 2.60
C GLY A 124 -6.30 -3.47 1.53
N THR A 125 -5.72 -3.09 0.38
CA THR A 125 -5.32 -4.07 -0.67
C THR A 125 -4.13 -4.86 -0.12
N GLU A 126 -3.24 -4.22 0.65
CA GLU A 126 -2.03 -4.81 1.16
C GLU A 126 -2.43 -5.72 2.27
N ALA A 127 -3.46 -5.28 2.98
CA ALA A 127 -3.93 -6.10 4.10
C ALA A 127 -4.38 -7.44 3.52
N ASN A 128 -5.21 -7.36 2.48
CA ASN A 128 -5.90 -8.54 1.89
C ASN A 128 -4.89 -9.35 1.06
N GLU A 129 -3.79 -8.72 0.65
CA GLU A 129 -2.73 -9.44 -0.04
C GLU A 129 -2.05 -10.29 1.05
N ALA A 130 -1.73 -9.66 2.18
CA ALA A 130 -1.15 -10.28 3.38
C ALA A 130 -2.00 -11.50 3.72
N ALA A 131 -3.26 -11.27 4.07
CA ALA A 131 -4.27 -12.31 4.42
C ALA A 131 -4.20 -13.49 3.45
N LEU A 132 -4.01 -13.27 2.15
CA LEU A 132 -3.88 -14.34 1.11
C LEU A 132 -2.65 -15.19 1.39
N LYS A 133 -1.49 -14.55 1.52
CA LYS A 133 -0.21 -15.25 1.76
C LYS A 133 -0.35 -16.03 3.07
N ILE A 134 -0.69 -15.31 4.15
CA ILE A 134 -0.87 -15.97 5.48
C ILE A 134 -1.70 -17.25 5.35
N ALA A 135 -2.86 -17.20 4.67
CA ALA A 135 -3.75 -18.36 4.39
C ALA A 135 -3.03 -19.39 3.50
N LYS A 136 -2.35 -18.95 2.43
CA LYS A 136 -1.63 -19.88 1.53
C LYS A 136 -0.60 -20.65 2.34
N TRP A 137 0.17 -19.94 3.19
CA TRP A 137 1.33 -20.47 3.95
C TRP A 137 0.82 -21.48 4.96
N SER A 138 -0.07 -21.07 5.85
CA SER A 138 -0.51 -21.84 7.04
C SER A 138 -1.24 -23.15 6.63
N THR A 139 -2.04 -23.13 5.56
CA THR A 139 -2.89 -24.27 5.12
C THR A 139 -2.14 -25.13 4.11
N ASN A 140 -1.19 -24.50 3.39
CA ASN A 140 -0.52 -25.00 2.17
C ASN A 140 -1.59 -25.37 1.10
N ARG A 141 -2.76 -24.73 1.13
CA ARG A 141 -3.78 -24.77 0.05
C ARG A 141 -3.63 -23.46 -0.71
N LYS A 142 -4.06 -23.42 -1.98
CA LYS A 142 -3.79 -22.29 -2.92
C LYS A 142 -5.06 -21.63 -3.47
N MET A 143 -6.23 -22.20 -3.24
CA MET A 143 -7.49 -21.70 -3.85
C MET A 143 -8.25 -20.87 -2.80
N PHE A 144 -9.26 -20.14 -3.27
CA PHE A 144 -10.09 -19.30 -2.41
C PHE A 144 -11.48 -19.05 -2.98
N ILE A 145 -12.47 -19.01 -2.11
CA ILE A 145 -13.86 -18.59 -2.46
C ILE A 145 -14.00 -17.09 -2.12
N ALA A 146 -14.54 -16.31 -3.03
CA ALA A 146 -15.08 -14.96 -2.71
C ALA A 146 -16.54 -14.87 -3.19
N PHE A 147 -17.20 -13.75 -2.92
CA PHE A 147 -18.64 -13.68 -3.26
C PHE A 147 -18.83 -12.67 -4.38
N ILE A 148 -19.73 -12.97 -5.31
CA ILE A 148 -19.97 -12.01 -6.42
C ILE A 148 -20.42 -10.75 -5.72
N GLY A 149 -19.98 -9.57 -6.15
CA GLY A 149 -20.33 -8.32 -5.45
C GLY A 149 -19.23 -7.86 -4.51
N ALA A 150 -18.34 -8.78 -4.09
CA ALA A 150 -17.23 -8.49 -3.14
C ALA A 150 -16.24 -7.54 -3.78
N PHE A 151 -15.63 -6.68 -2.97
CA PHE A 151 -14.58 -5.79 -3.46
C PHE A 151 -13.46 -5.76 -2.42
N HIS A 152 -12.40 -6.53 -2.67
CA HIS A 152 -11.28 -6.56 -1.73
C HIS A 152 -10.02 -5.81 -2.12
N GLY A 153 -9.97 -5.22 -3.32
CA GLY A 153 -8.78 -4.48 -3.73
C GLY A 153 -8.56 -4.44 -5.23
N ARG A 154 -7.47 -3.79 -5.65
CA ARG A 154 -7.17 -3.66 -7.07
C ARG A 154 -5.78 -4.15 -7.47
N THR A 155 -5.12 -4.88 -6.58
CA THR A 155 -3.77 -5.45 -6.83
C THR A 155 -4.04 -6.90 -7.31
N HIS A 156 -3.03 -7.59 -7.88
CA HIS A 156 -3.20 -8.87 -8.65
C HIS A 156 -3.72 -10.06 -7.82
N GLY A 157 -3.57 -9.99 -6.51
CA GLY A 157 -4.22 -10.99 -5.65
C GLY A 157 -5.66 -10.59 -5.45
N THR A 158 -5.90 -9.34 -5.06
CA THR A 158 -7.25 -8.88 -4.63
C THR A 158 -8.15 -8.72 -5.86
N MET A 159 -7.55 -8.45 -7.02
CA MET A 159 -8.33 -8.36 -8.27
C MET A 159 -9.10 -9.66 -8.36
N SER A 160 -8.39 -10.80 -8.27
CA SER A 160 -9.02 -12.13 -8.43
C SER A 160 -10.29 -12.12 -7.52
N LEU A 161 -10.06 -11.73 -6.22
CA LEU A 161 -11.05 -11.80 -5.07
C LEU A 161 -12.24 -10.87 -5.33
N THR A 162 -11.95 -9.62 -5.71
CA THR A 162 -12.91 -8.57 -6.14
C THR A 162 -13.70 -9.00 -7.43
N ALA A 163 -15.02 -8.97 -7.29
CA ALA A 163 -15.93 -9.28 -8.39
C ALA A 163 -17.15 -8.36 -8.35
N SER A 164 -16.91 -7.05 -8.32
CA SER A 164 -17.99 -6.07 -8.30
C SER A 164 -18.35 -5.47 -9.67
N LYS A 165 -17.34 -5.12 -10.44
CA LYS A 165 -17.56 -4.53 -11.76
C LYS A 165 -16.55 -5.10 -12.73
N PRO A 166 -17.03 -5.61 -13.87
CA PRO A 166 -16.05 -6.23 -14.76
C PRO A 166 -15.01 -5.24 -15.27
N VAL A 167 -15.32 -3.95 -15.24
CA VAL A 167 -14.32 -2.94 -15.72
C VAL A 167 -13.07 -3.09 -14.85
N GLN A 168 -13.23 -3.32 -13.56
CA GLN A 168 -12.10 -3.50 -12.60
C GLN A 168 -11.04 -4.47 -13.14
N ARG A 169 -11.42 -5.47 -13.96
CA ARG A 169 -10.54 -6.58 -14.42
C ARG A 169 -10.31 -6.47 -15.93
N SER A 170 -10.60 -5.31 -16.50
CA SER A 170 -10.51 -5.02 -17.96
C SER A 170 -9.06 -5.22 -18.42
N ARG A 171 -8.84 -6.22 -19.28
CA ARG A 171 -7.52 -6.65 -19.82
C ARG A 171 -6.47 -6.98 -18.73
N MET A 172 -6.92 -7.43 -17.56
CA MET A 172 -6.06 -7.75 -16.38
C MET A 172 -5.73 -9.25 -16.33
N PHE A 173 -6.56 -10.04 -17.00
CA PHE A 173 -6.45 -11.51 -17.01
C PHE A 173 -5.12 -11.90 -17.64
N PRO A 174 -4.38 -12.87 -17.08
CA PRO A 174 -4.74 -13.51 -15.80
C PRO A 174 -4.18 -12.72 -14.57
N THR A 175 -5.03 -12.60 -13.52
CA THR A 175 -4.66 -12.31 -12.09
C THR A 175 -4.39 -13.64 -11.33
N MET A 176 -4.13 -13.57 -10.01
CA MET A 176 -3.76 -14.77 -9.18
C MET A 176 -4.77 -15.91 -9.43
N PRO A 177 -4.37 -17.12 -9.92
CA PRO A 177 -5.31 -18.23 -10.04
C PRO A 177 -5.83 -18.81 -8.72
N GLY A 178 -6.96 -19.54 -8.81
CA GLY A 178 -7.57 -20.37 -7.75
C GLY A 178 -8.73 -19.69 -7.03
N VAL A 179 -9.14 -18.49 -7.42
CA VAL A 179 -10.35 -17.86 -6.81
C VAL A 179 -11.54 -18.37 -7.61
N VAL A 180 -12.60 -18.80 -6.90
CA VAL A 180 -13.91 -19.21 -7.42
C VAL A 180 -14.90 -18.30 -6.67
N HIS A 181 -16.00 -17.92 -7.31
CA HIS A 181 -16.98 -16.96 -6.74
C HIS A 181 -18.35 -17.61 -6.63
N VAL A 182 -19.07 -17.33 -5.55
CA VAL A 182 -20.51 -17.73 -5.39
C VAL A 182 -21.38 -16.54 -5.00
N PRO A 183 -22.68 -16.56 -5.35
CA PRO A 183 -23.60 -15.51 -4.95
C PRO A 183 -23.39 -15.11 -3.49
N TYR A 184 -23.30 -13.81 -3.21
CA TYR A 184 -23.45 -13.27 -1.84
C TYR A 184 -24.95 -13.37 -1.51
N PRO A 185 -25.33 -13.68 -0.24
CA PRO A 185 -26.73 -13.68 0.17
C PRO A 185 -27.26 -12.27 0.30
N ASN A 186 -27.50 -11.65 -0.87
CA ASN A 186 -28.03 -10.28 -1.03
C ASN A 186 -29.55 -10.36 -0.98
N PRO A 187 -30.16 -9.87 0.11
CA PRO A 187 -31.59 -10.14 0.35
C PRO A 187 -32.51 -9.39 -0.63
N TYR A 188 -31.96 -8.55 -1.51
CA TYR A 188 -32.69 -7.78 -2.55
C TYR A 188 -32.40 -8.31 -3.97
N ARG A 189 -31.15 -8.66 -4.33
CA ARG A 189 -30.78 -9.36 -5.62
C ARG A 189 -29.94 -10.61 -5.36
N ASN A 190 -30.53 -11.79 -5.57
CA ASN A 190 -29.83 -13.10 -5.58
C ASN A 190 -30.41 -13.90 -6.74
N PRO A 191 -29.69 -14.86 -7.29
CA PRO A 191 -30.21 -15.55 -8.47
C PRO A 191 -31.54 -16.31 -8.28
N TRP A 192 -31.91 -16.58 -7.02
CA TRP A 192 -33.13 -17.33 -6.62
C TRP A 192 -34.38 -16.44 -6.53
N GLY A 193 -34.30 -15.15 -6.72
CA GLY A 193 -35.49 -14.29 -6.56
C GLY A 193 -35.86 -14.14 -5.08
N ILE A 194 -35.07 -14.65 -4.13
CA ILE A 194 -35.52 -14.82 -2.72
C ILE A 194 -35.59 -13.46 -2.03
N ASP A 195 -36.77 -13.12 -1.50
CA ASP A 195 -36.95 -11.97 -0.56
C ASP A 195 -36.26 -12.36 0.76
N GLY A 196 -35.00 -11.91 0.88
CA GLY A 196 -34.02 -12.31 1.91
C GLY A 196 -34.35 -11.72 3.25
N TYR A 197 -35.16 -10.66 3.27
CA TYR A 197 -35.65 -10.02 4.51
C TYR A 197 -36.80 -10.88 5.06
N GLU A 198 -37.76 -11.19 4.21
CA GLU A 198 -38.88 -12.07 4.60
C GLU A 198 -38.33 -13.47 4.89
N ASN A 199 -37.40 -13.99 4.07
CA ASN A 199 -37.06 -15.44 4.03
C ASN A 199 -35.55 -15.68 4.19
N PRO A 200 -34.88 -15.21 5.27
CA PRO A 200 -33.43 -15.29 5.36
C PRO A 200 -32.85 -16.73 5.37
N ASP A 201 -33.51 -17.70 6.01
CA ASP A 201 -32.97 -19.08 6.12
C ASP A 201 -32.99 -19.74 4.74
N GLU A 202 -34.05 -19.48 3.96
CA GLU A 202 -34.21 -20.01 2.59
C GLU A 202 -33.04 -19.52 1.72
N LEU A 203 -32.63 -18.25 1.88
CA LEU A 203 -31.52 -17.60 1.12
C LEU A 203 -30.15 -18.07 1.62
N ILE A 204 -29.95 -18.08 2.93
CA ILE A 204 -28.72 -18.63 3.54
C ILE A 204 -28.43 -20.04 2.99
N ASN A 205 -29.45 -20.90 2.99
CA ASN A 205 -29.36 -22.31 2.55
C ASN A 205 -28.97 -22.35 1.09
N ARG A 206 -29.63 -21.57 0.24
CA ARG A 206 -29.36 -21.58 -1.21
C ARG A 206 -27.89 -21.23 -1.52
N VAL A 207 -27.29 -20.34 -0.70
CA VAL A 207 -25.87 -19.93 -0.88
C VAL A 207 -24.98 -21.10 -0.50
N ILE A 208 -25.10 -21.56 0.73
CA ILE A 208 -24.37 -22.75 1.26
C ILE A 208 -24.52 -23.97 0.32
N ASP A 209 -25.79 -24.40 0.07
CA ASP A 209 -26.21 -25.45 -0.91
C ASP A 209 -25.53 -25.26 -2.28
N TYR A 210 -25.21 -24.02 -2.70
CA TYR A 210 -24.48 -23.72 -3.96
C TYR A 210 -23.01 -24.12 -3.83
N ILE A 211 -22.36 -23.56 -2.79
CA ILE A 211 -20.97 -23.94 -2.44
C ILE A 211 -20.88 -25.46 -2.28
N GLU A 212 -21.60 -26.05 -1.33
CA GLU A 212 -21.49 -27.51 -1.11
C GLU A 212 -21.84 -28.22 -2.45
N GLU A 213 -23.05 -28.09 -3.00
CA GLU A 213 -23.53 -29.04 -4.06
C GLU A 213 -22.93 -28.74 -5.44
N TYR A 214 -22.66 -27.48 -5.77
CA TYR A 214 -22.36 -27.09 -7.18
C TYR A 214 -20.86 -26.77 -7.34
N LEU A 215 -20.12 -26.57 -6.21
CA LEU A 215 -18.62 -26.48 -6.23
C LEU A 215 -17.99 -27.81 -5.72
N PHE A 216 -17.98 -28.00 -4.41
CA PHE A 216 -17.30 -29.13 -3.71
C PHE A 216 -17.66 -30.47 -4.34
N GLU A 217 -18.91 -30.70 -4.70
CA GLU A 217 -19.35 -31.96 -5.26
C GLU A 217 -19.10 -32.09 -6.76
N HIS A 218 -18.70 -31.00 -7.41
CA HIS A 218 -18.45 -31.07 -8.83
C HIS A 218 -17.02 -30.70 -9.25
N TYR A 219 -16.68 -29.42 -9.17
CA TYR A 219 -15.35 -28.97 -9.60
C TYR A 219 -14.39 -28.35 -8.58
N VAL A 220 -14.74 -28.30 -7.31
CA VAL A 220 -13.83 -27.68 -6.32
C VAL A 220 -13.48 -28.58 -5.15
N PRO A 221 -12.24 -29.10 -5.14
CA PRO A 221 -11.88 -29.97 -4.02
C PRO A 221 -11.87 -29.08 -2.75
N ALA A 222 -12.83 -29.33 -1.84
CA ALA A 222 -12.99 -28.59 -0.55
C ALA A 222 -11.68 -28.58 0.29
N GLU A 223 -10.86 -29.62 0.19
CA GLU A 223 -9.62 -29.73 1.01
C GLU A 223 -8.53 -28.91 0.31
N GLU A 224 -8.82 -28.28 -0.83
CA GLU A 224 -7.78 -27.55 -1.58
C GLU A 224 -8.07 -26.05 -1.43
N VAL A 225 -9.09 -25.69 -0.63
CA VAL A 225 -9.54 -24.27 -0.48
C VAL A 225 -8.91 -23.68 0.79
N ALA A 226 -7.94 -22.79 0.68
CA ALA A 226 -7.32 -22.13 1.86
C ALA A 226 -8.33 -21.30 2.65
N GLY A 227 -9.23 -20.60 1.95
CA GLY A 227 -9.90 -19.42 2.56
C GLY A 227 -11.13 -18.97 1.82
N ILE A 228 -12.15 -18.62 2.61
CA ILE A 228 -13.39 -17.97 2.13
C ILE A 228 -13.26 -16.49 2.49
N PHE A 229 -13.16 -15.61 1.49
CA PHE A 229 -13.12 -14.14 1.66
C PHE A 229 -14.54 -13.54 1.60
N PHE A 230 -14.92 -12.84 2.67
CA PHE A 230 -16.19 -12.07 2.74
C PHE A 230 -16.01 -10.72 3.44
N GLU A 231 -16.78 -9.71 2.99
CA GLU A 231 -17.14 -8.44 3.70
C GLU A 231 -18.47 -8.64 4.42
N PRO A 232 -18.55 -8.18 5.70
CA PRO A 232 -19.67 -8.54 6.57
C PRO A 232 -20.91 -7.74 6.13
N ILE A 233 -20.65 -6.55 5.57
CA ILE A 233 -21.53 -5.81 4.63
C ILE A 233 -20.72 -5.44 3.37
N GLN A 234 -21.13 -5.95 2.23
CA GLN A 234 -20.51 -5.59 0.93
C GLN A 234 -20.59 -4.07 0.91
N GLY A 235 -19.49 -3.38 0.69
CA GLY A 235 -19.47 -1.93 0.71
C GLY A 235 -19.68 -1.34 -0.67
N GLU A 236 -18.65 -1.53 -1.50
CA GLU A 236 -18.61 -1.05 -2.87
C GLU A 236 -19.67 -1.76 -3.70
N GLY A 237 -20.16 -2.87 -3.17
CA GLY A 237 -21.17 -3.65 -3.86
C GLY A 237 -22.56 -3.17 -3.55
N GLY A 238 -22.71 -1.88 -3.32
CA GLY A 238 -24.02 -1.33 -2.99
C GLY A 238 -24.44 -1.39 -1.53
N TYR A 239 -23.49 -1.61 -0.63
CA TYR A 239 -23.76 -1.67 0.81
C TYR A 239 -24.87 -2.66 1.16
N VAL A 240 -24.56 -3.93 1.00
CA VAL A 240 -25.50 -5.02 1.23
C VAL A 240 -25.34 -5.77 2.56
N VAL A 241 -26.40 -5.78 3.36
CA VAL A 241 -26.46 -6.52 4.65
C VAL A 241 -27.04 -7.92 4.43
N PRO A 242 -26.21 -8.96 4.63
CA PRO A 242 -26.64 -10.35 4.50
C PRO A 242 -27.33 -10.79 5.78
N PRO A 243 -28.14 -11.89 5.70
CA PRO A 243 -28.96 -12.31 6.83
C PRO A 243 -28.11 -12.55 8.06
N LYS A 244 -28.73 -12.37 9.23
CA LYS A 244 -28.05 -12.33 10.54
C LYS A 244 -27.35 -13.68 10.74
N ASN A 245 -27.98 -14.79 10.35
CA ASN A 245 -27.46 -16.16 10.67
C ASN A 245 -26.64 -16.71 9.51
N PHE A 246 -26.15 -15.87 8.58
CA PHE A 246 -25.40 -16.35 7.39
C PHE A 246 -23.99 -16.84 7.74
N PHE A 247 -23.15 -16.06 8.42
CA PHE A 247 -21.74 -16.45 8.73
C PHE A 247 -21.65 -17.66 9.67
N LYS A 248 -22.61 -17.78 10.60
CA LYS A 248 -22.79 -18.95 11.47
C LYS A 248 -22.96 -20.19 10.60
N GLU A 249 -23.90 -20.18 9.65
CA GLU A 249 -24.10 -21.30 8.70
C GLU A 249 -22.83 -21.50 7.84
N LEU A 250 -22.11 -20.41 7.48
CA LEU A 250 -20.88 -20.44 6.64
C LEU A 250 -19.69 -21.05 7.40
N LYS A 251 -19.45 -20.64 8.65
CA LYS A 251 -18.46 -21.30 9.56
C LYS A 251 -18.74 -22.81 9.62
N LYS A 252 -19.99 -23.19 9.90
CA LYS A 252 -20.38 -24.63 9.94
C LYS A 252 -19.74 -25.33 8.74
N LEU A 253 -19.84 -24.74 7.55
CA LEU A 253 -19.42 -25.39 6.28
C LEU A 253 -17.92 -25.24 6.14
N ALA A 254 -17.40 -24.05 6.41
CA ALA A 254 -15.95 -23.83 6.54
C ALA A 254 -15.33 -24.91 7.43
N ASP A 255 -15.80 -25.05 8.67
CA ASP A 255 -15.09 -25.85 9.72
C ASP A 255 -15.03 -27.33 9.32
N LYS A 256 -16.08 -27.79 8.64
CA LYS A 256 -16.32 -29.18 8.14
C LYS A 256 -15.27 -29.54 7.07
N HIS A 257 -14.55 -28.58 6.48
CA HIS A 257 -13.48 -28.85 5.47
C HIS A 257 -12.16 -28.16 5.84
N GLY A 258 -12.00 -27.72 7.11
CA GLY A 258 -10.79 -27.09 7.66
C GLY A 258 -10.30 -25.91 6.84
N ILE A 259 -11.23 -25.00 6.51
CA ILE A 259 -11.07 -23.81 5.61
C ILE A 259 -11.13 -22.55 6.45
N LEU A 260 -10.25 -21.58 6.20
CA LEU A 260 -10.23 -20.30 6.96
C LEU A 260 -11.38 -19.35 6.59
N LEU A 261 -11.93 -18.68 7.60
CA LEU A 261 -12.83 -17.52 7.37
C LEU A 261 -12.04 -16.21 7.46
N ILE A 262 -12.03 -15.42 6.38
CA ILE A 262 -11.34 -14.09 6.21
C ILE A 262 -12.37 -12.94 6.06
N ASP A 263 -12.48 -12.11 7.11
CA ASP A 263 -13.52 -11.06 7.30
C ASP A 263 -12.86 -9.75 6.89
N ASP A 264 -13.22 -9.25 5.72
CA ASP A 264 -12.73 -7.95 5.19
C ASP A 264 -13.54 -6.80 5.77
N GLU A 265 -13.03 -6.20 6.87
CA GLU A 265 -13.66 -5.06 7.62
C GLU A 265 -12.94 -3.77 7.27
N VAL A 266 -12.34 -3.69 6.06
CA VAL A 266 -11.64 -2.47 5.55
C VAL A 266 -12.62 -1.28 5.61
N GLN A 267 -13.90 -1.49 5.27
CA GLN A 267 -14.89 -0.40 5.26
C GLN A 267 -15.74 -0.50 6.52
N MET A 268 -16.35 -1.65 6.78
CA MET A 268 -17.41 -1.79 7.83
C MET A 268 -16.83 -1.90 9.27
N GLY A 269 -15.51 -1.96 9.40
CA GLY A 269 -14.87 -1.99 10.74
C GLY A 269 -14.68 -0.60 11.30
N MET A 270 -13.92 -0.54 12.40
CA MET A 270 -13.60 0.71 13.11
C MET A 270 -14.90 1.44 13.43
N GLY A 271 -15.87 0.72 14.01
CA GLY A 271 -17.00 1.26 14.80
C GLY A 271 -18.21 1.61 13.95
N ARG A 272 -18.05 1.55 12.61
CA ARG A 272 -18.94 2.10 11.57
C ARG A 272 -20.37 1.62 11.80
N THR A 273 -20.56 0.37 12.22
CA THR A 273 -21.87 -0.30 12.35
C THR A 273 -22.35 -0.36 13.82
N GLY A 274 -21.80 0.48 14.70
CA GLY A 274 -22.16 0.52 16.13
C GLY A 274 -21.57 -0.64 16.92
N ARG A 275 -20.58 -1.32 16.34
CA ARG A 275 -19.67 -2.26 17.05
C ARG A 275 -18.31 -2.09 16.41
N MET A 276 -17.24 -2.47 17.13
CA MET A 276 -15.84 -2.32 16.66
C MET A 276 -15.75 -2.97 15.28
N TRP A 277 -16.16 -4.23 15.19
CA TRP A 277 -16.11 -4.94 13.93
C TRP A 277 -17.52 -5.31 13.47
N ALA A 278 -17.70 -5.29 12.16
CA ALA A 278 -18.99 -5.58 11.53
C ALA A 278 -19.47 -7.00 11.81
N ILE A 279 -18.52 -7.93 11.85
CA ILE A 279 -18.80 -9.35 12.06
C ILE A 279 -19.47 -9.72 13.39
N GLU A 280 -19.28 -8.91 14.42
CA GLU A 280 -19.85 -9.20 15.72
C GLU A 280 -21.38 -9.32 15.68
N HIS A 281 -22.03 -8.46 14.92
CA HIS A 281 -23.48 -8.51 14.78
C HIS A 281 -23.91 -9.90 14.30
N PHE A 282 -23.03 -10.53 13.53
CA PHE A 282 -23.30 -11.87 12.90
C PHE A 282 -22.75 -13.03 13.74
N ASP A 283 -22.11 -12.75 14.88
CA ASP A 283 -21.89 -13.73 15.98
C ASP A 283 -20.93 -14.85 15.53
N ILE A 284 -19.79 -14.50 14.92
CA ILE A 284 -18.72 -15.46 14.53
C ILE A 284 -17.37 -14.77 14.71
N VAL A 285 -16.33 -15.57 14.91
CA VAL A 285 -14.94 -15.14 15.22
C VAL A 285 -14.09 -15.52 14.01
N PRO A 286 -13.85 -14.57 13.08
CA PRO A 286 -13.08 -14.85 11.87
C PRO A 286 -11.62 -15.11 12.20
N ASP A 287 -10.99 -16.01 11.45
CA ASP A 287 -9.58 -16.46 11.66
C ASP A 287 -8.65 -15.34 11.22
N ILE A 288 -8.94 -14.72 10.08
CA ILE A 288 -8.21 -13.51 9.62
C ILE A 288 -9.22 -12.38 9.43
N VAL A 289 -8.86 -11.20 9.92
CA VAL A 289 -9.67 -9.95 9.90
C VAL A 289 -8.75 -8.91 9.30
N THR A 290 -9.10 -8.34 8.16
CA THR A 290 -8.31 -7.27 7.51
C THR A 290 -9.00 -5.93 7.81
N VAL A 291 -8.21 -4.86 7.92
CA VAL A 291 -8.69 -3.51 8.36
C VAL A 291 -7.70 -2.48 7.80
N ALA A 292 -8.20 -1.31 7.42
CA ALA A 292 -7.47 -0.19 6.79
C ALA A 292 -8.43 1.00 6.77
N LYS A 293 -8.16 2.01 5.95
CA LYS A 293 -8.99 3.23 5.88
C LYS A 293 -9.02 3.93 7.24
N ALA A 294 -10.06 3.64 8.03
CA ALA A 294 -10.49 4.38 9.24
C ALA A 294 -9.47 4.18 10.36
N LEU A 295 -8.71 3.08 10.29
CA LEU A 295 -7.68 2.74 11.32
C LEU A 295 -6.66 3.88 11.46
N GLY A 296 -6.24 4.51 10.36
CA GLY A 296 -5.25 5.59 10.37
C GLY A 296 -5.81 6.99 10.55
N GLY A 297 -7.13 7.16 10.73
CA GLY A 297 -7.78 8.47 10.94
C GLY A 297 -7.36 9.55 9.94
N GLY A 298 -7.12 9.18 8.68
CA GLY A 298 -6.67 10.11 7.63
C GLY A 298 -5.26 9.82 7.16
N ILE A 299 -4.49 9.04 7.93
CA ILE A 299 -3.13 8.57 7.53
C ILE A 299 -3.29 7.20 6.88
N PRO A 300 -2.46 6.88 5.85
CA PRO A 300 -2.42 5.53 5.27
C PRO A 300 -1.93 4.41 6.21
N ILE A 301 -2.84 3.50 6.54
CA ILE A 301 -2.49 2.33 7.40
C ILE A 301 -3.36 1.14 7.00
N GLY A 302 -2.76 -0.05 7.07
CA GLY A 302 -3.42 -1.36 6.89
C GLY A 302 -2.96 -2.32 7.96
N ALA A 303 -3.84 -3.23 8.39
CA ALA A 303 -3.53 -4.29 9.37
C ALA A 303 -4.21 -5.59 8.93
N THR A 304 -3.56 -6.73 9.19
CA THR A 304 -4.12 -8.08 9.00
C THR A 304 -4.05 -8.78 10.37
N ILE A 305 -5.19 -9.07 11.00
CA ILE A 305 -5.25 -9.72 12.36
C ILE A 305 -5.60 -11.22 12.18
N PHE A 306 -4.80 -12.12 12.75
CA PHE A 306 -4.99 -13.56 12.46
C PHE A 306 -4.73 -14.45 13.70
N ARG A 307 -5.47 -15.57 13.74
CA ARG A 307 -5.21 -16.81 14.54
C ARG A 307 -3.71 -17.03 14.56
N ALA A 308 -3.13 -17.03 15.77
CA ALA A 308 -1.68 -16.90 15.97
C ALA A 308 -0.92 -18.08 15.35
N ASP A 309 -1.51 -19.27 15.41
CA ASP A 309 -0.90 -20.52 14.86
C ASP A 309 -0.81 -20.47 13.33
N LEU A 310 -1.43 -19.50 12.65
CA LEU A 310 -1.36 -19.29 11.17
C LEU A 310 -0.08 -18.52 10.77
N ASP A 311 0.66 -18.01 11.77
CA ASP A 311 1.81 -17.10 11.54
C ASP A 311 2.85 -17.79 10.66
N PHE A 312 3.56 -17.01 9.82
CA PHE A 312 4.68 -17.42 8.93
C PHE A 312 5.78 -18.19 9.67
N GLY A 313 5.95 -19.47 9.35
CA GLY A 313 7.02 -20.31 9.90
C GLY A 313 8.34 -19.56 9.93
N VAL A 314 8.82 -19.11 8.77
CA VAL A 314 10.21 -18.60 8.54
C VAL A 314 10.16 -17.09 8.33
N SER A 315 11.32 -16.42 8.40
CA SER A 315 11.48 -14.98 8.07
C SER A 315 11.62 -14.82 6.56
N GLY A 316 11.22 -13.68 6.02
CA GLY A 316 11.40 -13.28 4.60
C GLY A 316 10.33 -13.85 3.69
N VAL A 317 9.21 -14.35 4.22
CA VAL A 317 8.05 -14.83 3.41
C VAL A 317 7.32 -13.56 2.97
N HIS A 318 6.97 -12.74 3.96
CA HIS A 318 6.33 -11.41 3.77
C HIS A 318 7.02 -10.38 4.67
N SER A 319 6.94 -9.12 4.25
CA SER A 319 7.48 -7.91 4.88
C SER A 319 7.15 -6.72 3.99
N ASN A 320 7.45 -5.51 4.46
CA ASN A 320 7.19 -4.29 3.70
C ASN A 320 8.01 -3.15 4.29
N THR A 321 8.52 -2.25 3.45
CA THR A 321 9.31 -1.14 3.98
C THR A 321 8.49 -0.15 4.80
N PHE A 322 7.34 0.22 4.26
CA PHE A 322 6.44 1.20 4.88
C PHE A 322 5.71 0.83 6.17
N GLY A 323 5.32 -0.43 6.29
CA GLY A 323 4.56 -0.88 7.44
C GLY A 323 5.29 -0.66 8.75
N GLY A 324 4.52 -0.33 9.79
CA GLY A 324 5.11 -0.06 11.08
C GLY A 324 5.47 1.40 11.25
N ASN A 325 5.01 2.25 10.33
CA ASN A 325 5.29 3.68 10.42
C ASN A 325 4.72 4.20 11.74
N THR A 326 5.51 5.00 12.44
CA THR A 326 5.11 5.52 13.73
C THR A 326 3.98 6.54 13.71
N VAL A 327 4.02 7.43 12.72
CA VAL A 327 2.98 8.50 12.61
C VAL A 327 1.61 7.83 12.55
N ALA A 328 1.49 6.83 11.67
CA ALA A 328 0.23 6.11 11.43
C ALA A 328 -0.19 5.37 12.71
N ALA A 329 0.74 4.68 13.38
CA ALA A 329 0.49 3.90 14.63
C ALA A 329 0.07 4.85 15.76
N ALA A 330 0.70 6.03 15.86
CA ALA A 330 0.33 7.08 16.83
C ALA A 330 -1.13 7.47 16.59
N ALA A 331 -1.50 7.62 15.30
CA ALA A 331 -2.82 8.10 14.83
C ALA A 331 -3.86 7.03 15.12
N ALA A 332 -3.47 5.77 14.89
CA ALA A 332 -4.34 4.58 15.02
C ALA A 332 -4.81 4.40 16.47
N LEU A 333 -3.84 4.30 17.41
CA LEU A 333 -4.13 4.16 18.87
C LEU A 333 -5.15 5.22 19.31
N ALA A 334 -5.01 6.46 18.81
CA ALA A 334 -5.83 7.66 19.11
C ALA A 334 -7.25 7.46 18.57
N VAL A 335 -7.34 7.03 17.31
CA VAL A 335 -8.64 6.73 16.65
C VAL A 335 -9.41 5.74 17.54
N ILE A 336 -8.76 4.60 17.86
CA ILE A 336 -9.34 3.46 18.65
C ILE A 336 -9.78 3.95 20.04
N GLU A 337 -9.04 4.91 20.61
CA GLU A 337 -9.42 5.56 21.89
C GLU A 337 -10.71 6.36 21.66
N GLU A 338 -10.75 7.23 20.66
CA GLU A 338 -11.97 8.01 20.29
C GLU A 338 -13.17 7.09 20.15
N LEU A 339 -13.03 6.02 19.37
CA LEU A 339 -14.07 5.01 19.15
C LEU A 339 -14.58 4.47 20.49
N GLN A 340 -13.72 3.87 21.31
CA GLN A 340 -14.12 3.16 22.57
C GLN A 340 -14.80 4.14 23.56
N ASN A 341 -14.44 5.44 23.49
CA ASN A 341 -14.86 6.46 24.48
C ASN A 341 -15.91 7.38 23.85
N GLY A 342 -16.99 6.81 23.30
CA GLY A 342 -18.15 7.63 22.85
C GLY A 342 -18.65 7.33 21.43
N LEU A 343 -17.79 7.20 20.42
CA LEU A 343 -18.20 7.24 18.99
C LEU A 343 -19.04 6.00 18.65
N ILE A 344 -18.60 4.83 19.11
CA ILE A 344 -19.25 3.51 18.82
C ILE A 344 -20.65 3.50 19.45
N GLU A 345 -20.80 4.09 20.63
CA GLU A 345 -22.13 4.25 21.30
C GLU A 345 -22.99 5.22 20.48
N ASN A 346 -22.38 6.24 19.87
CA ASN A 346 -23.08 7.32 19.14
C ASN A 346 -23.73 6.73 17.88
N ALA A 347 -23.04 5.85 17.16
CA ALA A 347 -23.57 5.21 15.93
C ALA A 347 -24.73 4.26 16.26
N GLN A 348 -24.70 3.55 17.41
CA GLN A 348 -25.85 2.75 17.95
C GLN A 348 -27.02 3.68 18.33
N LYS A 349 -26.72 4.93 18.69
CA LYS A 349 -27.73 5.93 19.12
C LYS A 349 -28.48 6.44 17.88
N LEU A 350 -27.73 6.71 16.79
CA LEU A 350 -28.25 7.27 15.50
C LEU A 350 -28.74 6.15 14.56
N GLU A 351 -28.54 4.87 14.90
CA GLU A 351 -29.09 3.73 14.11
C GLU A 351 -30.59 3.90 13.92
N PRO A 352 -31.42 4.00 15.00
CA PRO A 352 -32.88 4.07 14.86
C PRO A 352 -33.36 5.33 14.13
N LEU A 353 -32.56 6.42 14.15
CA LEU A 353 -32.86 7.68 13.42
C LEU A 353 -32.69 7.48 11.90
N PHE A 354 -31.63 6.82 11.46
CA PHE A 354 -31.44 6.56 10.01
C PHE A 354 -32.46 5.49 9.59
N ARG A 355 -32.74 4.51 10.47
CA ARG A 355 -33.71 3.40 10.23
C ARG A 355 -35.11 4.01 9.99
N GLU A 356 -35.60 4.90 10.86
CA GLU A 356 -36.95 5.52 10.73
C GLU A 356 -37.00 6.42 9.48
N ARG A 357 -36.06 7.36 9.37
N ARG A 357 -36.05 7.36 9.37
CA ARG A 357 -36.07 8.44 8.34
CA ARG A 357 -36.08 8.43 8.34
C ARG A 357 -35.91 7.86 6.94
C ARG A 357 -35.91 7.86 6.94
N LEU A 358 -35.29 6.68 6.81
CA LEU A 358 -35.01 6.05 5.50
C LEU A 358 -36.16 5.11 5.15
N GLU A 359 -36.80 4.52 6.15
CA GLU A 359 -38.05 3.73 5.95
C GLU A 359 -39.20 4.70 5.68
N GLU A 360 -39.11 5.93 6.22
CA GLU A 360 -39.98 7.07 5.81
C GLU A 360 -39.80 7.27 4.30
N MET A 361 -38.58 7.57 3.87
CA MET A 361 -38.27 7.80 2.44
C MET A 361 -38.69 6.58 1.61
N LYS A 362 -38.59 5.37 2.17
CA LYS A 362 -38.91 4.16 1.36
C LYS A 362 -40.38 4.28 0.95
N GLU A 363 -41.25 4.48 1.95
CA GLU A 363 -42.75 4.55 1.83
C GLU A 363 -43.12 5.54 0.75
N LYS A 364 -42.47 6.71 0.74
CA LYS A 364 -42.94 7.91 0.02
C LYS A 364 -42.43 7.89 -1.43
N TYR A 365 -41.13 7.67 -1.67
CA TYR A 365 -40.49 7.80 -3.02
C TYR A 365 -40.37 6.43 -3.71
N GLU A 366 -41.13 6.23 -4.80
CA GLU A 366 -41.26 4.90 -5.48
C GLU A 366 -39.95 4.60 -6.21
N ILE A 367 -39.05 5.57 -6.30
CA ILE A 367 -37.74 5.38 -7.01
C ILE A 367 -36.79 4.53 -6.16
N ILE A 368 -36.87 4.68 -4.83
CA ILE A 368 -36.16 3.85 -3.78
C ILE A 368 -36.72 2.43 -3.82
N GLY A 369 -35.89 1.42 -4.13
CA GLY A 369 -36.26 -0.01 -4.09
C GLY A 369 -35.92 -0.69 -2.76
N ASP A 370 -34.82 -0.31 -2.14
CA ASP A 370 -34.39 -0.94 -0.86
C ASP A 370 -33.48 0.01 -0.09
N VAL A 371 -33.77 0.10 1.21
CA VAL A 371 -32.94 0.69 2.28
C VAL A 371 -32.53 -0.46 3.21
N ARG A 372 -31.40 -0.30 3.87
CA ARG A 372 -30.68 -1.39 4.60
C ARG A 372 -29.44 -0.79 5.27
N GLY A 373 -29.08 -1.32 6.43
CA GLY A 373 -27.84 -0.94 7.11
C GLY A 373 -27.83 -1.29 8.58
N LEU A 374 -26.71 -0.97 9.22
CA LEU A 374 -26.43 -1.14 10.67
C LEU A 374 -25.61 0.06 11.14
N GLY A 375 -25.81 0.49 12.38
CA GLY A 375 -25.19 1.71 12.92
C GLY A 375 -25.34 2.89 11.96
N LEU A 376 -24.20 3.41 11.48
CA LEU A 376 -24.12 4.53 10.51
C LEU A 376 -23.50 4.04 9.21
N ALA A 377 -23.77 2.77 8.87
CA ALA A 377 -23.50 2.19 7.54
C ALA A 377 -24.81 1.94 6.80
N TRP A 378 -25.26 2.86 5.92
CA TRP A 378 -26.55 2.76 5.19
C TRP A 378 -26.37 2.80 3.66
N GLY A 379 -27.24 2.07 2.99
CA GLY A 379 -27.29 2.01 1.52
C GLY A 379 -28.72 2.05 1.07
N VAL A 380 -29.06 3.06 0.28
CA VAL A 380 -30.35 3.20 -0.47
C VAL A 380 -30.08 2.79 -1.91
N GLU A 381 -30.80 1.79 -2.44
CA GLU A 381 -30.66 1.41 -3.88
C GLU A 381 -31.87 1.91 -4.65
N PHE A 382 -31.68 2.60 -5.78
CA PHE A 382 -32.81 3.15 -6.53
C PHE A 382 -33.17 2.39 -7.81
N VAL A 383 -34.34 1.77 -7.83
CA VAL A 383 -34.78 0.99 -8.98
C VAL A 383 -35.79 1.74 -9.85
N LYS A 384 -35.67 1.61 -11.17
CA LYS A 384 -36.59 2.27 -12.08
C LYS A 384 -37.99 1.76 -11.84
N ASP A 385 -38.12 0.44 -11.70
CA ASP A 385 -39.40 -0.19 -11.40
C ASP A 385 -39.17 -1.14 -10.25
N ARG A 386 -40.05 -1.12 -9.25
CA ARG A 386 -39.85 -1.98 -8.10
C ARG A 386 -39.89 -3.48 -8.40
N LYS A 387 -40.85 -3.93 -9.20
CA LYS A 387 -40.91 -5.35 -9.54
C LYS A 387 -39.73 -5.83 -10.39
N THR A 388 -39.42 -5.06 -11.43
CA THR A 388 -38.32 -5.36 -12.35
C THR A 388 -36.93 -5.25 -11.74
N LYS A 389 -36.78 -4.28 -10.84
CA LYS A 389 -35.53 -3.95 -10.15
C LYS A 389 -34.39 -3.54 -11.09
N GLU A 390 -34.75 -2.85 -12.17
CA GLU A 390 -33.76 -2.36 -13.12
C GLU A 390 -32.99 -1.22 -12.45
N TYR A 391 -31.69 -1.16 -12.68
CA TYR A 391 -30.90 -0.13 -12.02
C TYR A 391 -31.10 1.26 -12.62
N ALA A 392 -31.41 2.23 -11.76
CA ALA A 392 -31.54 3.61 -12.20
C ALA A 392 -30.18 4.27 -12.04
N THR A 393 -29.22 3.90 -12.87
CA THR A 393 -27.88 4.46 -12.75
C THR A 393 -27.84 5.96 -13.01
N LYS A 394 -28.55 6.41 -14.04
CA LYS A 394 -28.57 7.83 -14.38
C LYS A 394 -29.22 8.63 -13.28
N GLU A 395 -30.29 8.11 -12.72
CA GLU A 395 -31.00 8.79 -11.64
C GLU A 395 -30.10 8.94 -10.42
N ARG A 396 -29.34 7.90 -10.12
CA ARG A 396 -28.46 7.92 -8.97
C ARG A 396 -27.43 9.03 -9.10
N GLY A 397 -26.88 9.19 -10.30
CA GLY A 397 -25.91 10.24 -10.53
C GLY A 397 -26.53 11.61 -10.33
N GLU A 398 -27.76 11.76 -10.81
CA GLU A 398 -28.47 13.01 -10.68
C GLU A 398 -28.70 13.35 -9.22
N ILE A 399 -29.06 12.36 -8.42
CA ILE A 399 -29.32 12.59 -7.00
C ILE A 399 -28.07 13.06 -6.28
N VAL A 400 -26.94 12.43 -6.58
CA VAL A 400 -25.70 12.81 -5.93
C VAL A 400 -25.32 14.24 -6.30
N VAL A 401 -25.48 14.58 -7.58
CA VAL A 401 -25.18 15.92 -8.04
C VAL A 401 -26.10 16.92 -7.37
N GLU A 402 -27.38 16.56 -7.29
CA GLU A 402 -28.38 17.41 -6.67
C GLU A 402 -28.08 17.60 -5.20
N ALA A 403 -27.65 16.52 -4.55
CA ALA A 403 -27.29 16.55 -3.14
C ALA A 403 -26.09 17.47 -2.93
N LEU A 404 -25.13 17.40 -3.84
CA LEU A 404 -23.93 18.23 -3.77
C LEU A 404 -24.29 19.70 -3.87
N LYS A 405 -25.24 20.01 -4.74
CA LYS A 405 -25.70 21.38 -4.96
C LYS A 405 -26.31 21.99 -3.70
N ARG A 406 -27.02 21.16 -2.93
CA ARG A 406 -27.66 21.58 -1.70
C ARG A 406 -26.74 21.48 -0.47
N GLY A 407 -25.48 21.12 -0.68
CA GLY A 407 -24.51 21.03 0.40
C GLY A 407 -24.29 19.70 1.08
N LEU A 408 -24.88 18.62 0.55
CA LEU A 408 -24.72 17.30 1.14
C LEU A 408 -23.72 16.49 0.32
N ALA A 409 -22.74 15.90 0.99
CA ALA A 409 -21.74 15.10 0.29
C ALA A 409 -22.07 13.63 0.35
N LEU A 410 -22.24 13.02 -0.82
CA LEU A 410 -22.59 11.61 -0.90
C LEU A 410 -21.75 10.87 -1.91
N LEU A 411 -21.76 9.55 -1.80
CA LEU A 411 -20.99 8.68 -2.69
C LEU A 411 -21.89 7.57 -3.21
N GLY A 412 -21.62 7.13 -4.44
CA GLY A 412 -22.41 6.07 -5.03
C GLY A 412 -21.74 4.71 -4.97
N CYS A 413 -22.38 3.79 -4.27
CA CYS A 413 -21.87 2.43 -4.14
C CYS A 413 -22.72 1.52 -5.00
N GLY A 414 -22.07 0.78 -5.89
CA GLY A 414 -22.79 -0.15 -6.75
C GLY A 414 -23.36 0.44 -8.01
N LYS A 415 -24.10 -0.38 -8.75
CA LYS A 415 -24.73 0.02 -9.99
C LYS A 415 -25.83 1.07 -9.83
N SER A 416 -26.66 0.96 -8.80
CA SER A 416 -27.76 1.93 -8.64
C SER A 416 -28.08 2.46 -7.23
N ALA A 417 -27.09 2.49 -6.34
CA ALA A 417 -27.29 3.03 -5.00
C ALA A 417 -26.32 4.04 -4.40
N ILE A 418 -26.78 4.73 -3.37
CA ILE A 418 -25.98 5.72 -2.67
C ILE A 418 -25.71 5.29 -1.23
N ARG A 419 -24.49 5.51 -0.76
CA ARG A 419 -24.09 5.15 0.63
C ARG A 419 -24.04 6.44 1.48
N LEU A 420 -24.81 6.40 2.57
CA LEU A 420 -24.79 7.36 3.71
C LEU A 420 -23.81 6.80 4.75
N ILE A 421 -22.68 7.49 4.89
CA ILE A 421 -21.62 7.17 5.89
C ILE A 421 -21.02 8.50 6.33
N PRO A 422 -21.71 9.20 7.27
CA PRO A 422 -21.12 10.35 7.96
C PRO A 422 -20.12 9.92 9.05
N PRO A 423 -19.15 10.80 9.40
CA PRO A 423 -18.33 10.60 10.59
C PRO A 423 -19.15 10.20 11.83
N LEU A 424 -18.65 9.27 12.63
CA LEU A 424 -19.37 8.75 13.83
C LEU A 424 -19.58 9.84 14.90
N ILE A 425 -18.94 11.02 14.73
CA ILE A 425 -18.97 12.18 15.66
C ILE A 425 -20.25 13.00 15.44
N ILE A 426 -20.97 12.74 14.34
CA ILE A 426 -22.14 13.58 13.89
C ILE A 426 -23.18 13.61 15.01
N SER A 427 -23.69 14.81 15.31
CA SER A 427 -24.76 15.07 16.32
C SER A 427 -26.11 14.65 15.72
N GLU A 428 -27.13 14.49 16.56
CA GLU A 428 -28.49 14.20 16.09
C GLU A 428 -28.91 15.31 15.11
N GLU A 429 -28.62 16.58 15.42
CA GLU A 429 -29.05 17.78 14.64
C GLU A 429 -28.27 17.85 13.30
N GLU A 430 -27.07 17.25 13.22
CA GLU A 430 -26.27 17.26 11.96
C GLU A 430 -26.79 16.15 11.04
N ALA A 431 -27.29 15.05 11.61
CA ALA A 431 -27.87 13.89 10.88
C ALA A 431 -29.19 14.30 10.18
N LYS A 432 -30.20 14.73 10.97
CA LYS A 432 -31.55 15.12 10.48
C LYS A 432 -31.37 16.09 9.30
N MET A 433 -30.36 16.98 9.40
CA MET A 433 -29.96 17.94 8.35
C MET A 433 -29.58 17.13 7.10
N GLY A 434 -28.69 16.15 7.23
CA GLY A 434 -28.22 15.37 6.07
C GLY A 434 -29.37 14.61 5.45
N LEU A 435 -30.15 13.94 6.30
CA LEU A 435 -31.30 13.11 5.86
C LEU A 435 -32.31 14.01 5.16
N ASP A 436 -32.62 15.18 5.74
CA ASP A 436 -33.51 16.21 5.12
C ASP A 436 -32.97 16.55 3.73
N ILE A 437 -31.70 16.95 3.60
CA ILE A 437 -31.09 17.33 2.29
C ILE A 437 -31.23 16.12 1.37
N PHE A 438 -30.81 14.94 1.83
CA PHE A 438 -30.80 13.70 1.02
C PHE A 438 -32.19 13.51 0.38
N GLU A 439 -33.24 13.49 1.20
CA GLU A 439 -34.65 13.37 0.75
C GLU A 439 -34.91 14.39 -0.35
N GLU A 440 -34.63 15.68 -0.09
CA GLU A 440 -34.95 16.79 -1.03
C GLU A 440 -34.28 16.52 -2.37
N ALA A 441 -33.11 15.87 -2.37
CA ALA A 441 -32.39 15.48 -3.60
C ALA A 441 -33.20 14.42 -4.34
N ILE A 442 -33.68 13.41 -3.60
CA ILE A 442 -34.50 12.30 -4.18
C ILE A 442 -35.75 12.96 -4.78
N LYS A 443 -36.45 13.74 -3.94
CA LYS A 443 -37.74 14.44 -4.26
C LYS A 443 -37.61 15.14 -5.62
N VAL A 444 -36.63 16.02 -5.76
CA VAL A 444 -36.37 16.75 -7.04
C VAL A 444 -36.23 15.73 -8.17
N VAL A 445 -35.28 14.82 -8.07
CA VAL A 445 -35.00 13.90 -9.19
C VAL A 445 -36.24 13.05 -9.47
N SER A 446 -36.99 12.61 -8.43
CA SER A 446 -38.29 11.88 -8.52
C SER A 446 -39.35 12.63 -9.38
N GLU A 447 -39.60 13.93 -9.08
CA GLU A 447 -40.50 14.83 -9.86
C GLU A 447 -39.99 14.91 -11.30
N ARG A 448 -38.72 15.25 -11.46
CA ARG A 448 -38.07 15.43 -12.78
C ARG A 448 -38.46 14.31 -13.74
N HIS A 449 -38.63 13.07 -13.24
CA HIS A 449 -38.70 11.86 -14.11
C HIS A 449 -40.08 11.19 -14.03
N GLY A 450 -40.97 11.67 -13.14
CA GLY A 450 -42.32 11.12 -12.96
C GLY A 450 -42.28 9.75 -12.28
N TYR A 451 -41.58 9.68 -11.15
CA TYR A 451 -41.69 8.57 -10.17
C TYR A 451 -42.83 8.99 -9.23
N LYS A 452 -43.70 8.07 -8.88
CA LYS A 452 -44.74 8.37 -7.86
C LYS A 452 -44.09 8.87 -6.57
N ILE A 453 -44.86 9.67 -5.83
CA ILE A 453 -44.53 10.22 -4.48
C ILE A 453 -45.79 10.08 -3.63
N HIS A 454 -45.90 8.94 -2.95
CA HIS A 454 -47.00 8.54 -2.04
C HIS A 454 -47.00 9.49 -0.83
N LEU B 3 25.28 15.47 19.19
CA LEU B 3 25.19 13.95 19.26
C LEU B 3 26.47 13.35 18.67
N LYS B 4 27.02 12.31 19.32
CA LYS B 4 28.02 11.40 18.69
C LYS B 4 27.51 9.96 18.78
N PRO B 5 28.10 8.98 18.04
CA PRO B 5 27.90 7.57 18.34
C PRO B 5 28.32 7.30 19.81
N ASN B 6 27.54 6.46 20.49
CA ASN B 6 27.66 6.23 21.95
C ASN B 6 26.80 4.99 22.26
N VAL B 7 27.44 3.82 22.34
CA VAL B 7 26.79 2.51 22.65
C VAL B 7 27.47 1.88 23.87
N LYS B 8 26.67 1.48 24.86
CA LYS B 8 27.05 0.59 26.00
C LYS B 8 26.44 -0.79 25.71
N GLU B 9 25.46 -1.26 26.48
CA GLU B 9 24.75 -2.55 26.19
C GLU B 9 23.68 -2.38 25.11
N ILE B 10 23.85 -3.09 23.99
CA ILE B 10 22.88 -3.19 22.87
C ILE B 10 22.73 -4.66 22.50
N PRO B 11 21.52 -5.27 22.65
CA PRO B 11 20.32 -4.56 23.16
C PRO B 11 20.23 -4.33 24.69
N GLY B 12 19.94 -3.10 25.12
CA GLY B 12 19.77 -2.75 26.54
C GLY B 12 18.47 -3.33 27.08
N PRO B 13 18.10 -3.13 28.37
CA PRO B 13 16.98 -3.86 28.99
C PRO B 13 15.55 -3.48 28.55
N LYS B 14 15.34 -2.24 28.07
CA LYS B 14 14.05 -1.76 27.49
C LYS B 14 13.87 -2.34 26.07
N ALA B 15 14.94 -2.33 25.26
CA ALA B 15 15.00 -2.86 23.87
C ALA B 15 14.66 -4.37 23.90
N ARG B 16 15.23 -5.09 24.87
CA ARG B 16 15.00 -6.54 25.09
C ARG B 16 13.51 -6.79 25.39
N LYS B 17 12.86 -5.88 26.14
CA LYS B 17 11.42 -6.00 26.52
C LYS B 17 10.54 -5.79 25.27
N VAL B 18 10.90 -4.81 24.42
CA VAL B 18 10.18 -4.44 23.18
C VAL B 18 10.31 -5.61 22.20
N ILE B 19 11.52 -6.17 22.10
CA ILE B 19 11.87 -7.25 21.14
C ILE B 19 11.03 -8.45 21.57
N GLU B 20 10.82 -8.63 22.87
CA GLU B 20 9.97 -9.74 23.36
C GLU B 20 8.50 -9.51 22.95
N GLU B 21 7.86 -8.41 23.40
CA GLU B 21 6.52 -7.92 22.94
C GLU B 21 6.24 -7.98 21.42
N HIS B 22 7.25 -7.69 20.59
CA HIS B 22 7.17 -7.76 19.12
C HIS B 22 6.92 -9.22 18.70
N HIS B 23 7.73 -10.16 19.18
CA HIS B 23 7.63 -11.60 18.81
C HIS B 23 6.25 -12.12 19.25
N LYS B 24 5.65 -11.53 20.29
CA LYS B 24 4.37 -12.04 20.88
C LYS B 24 3.16 -11.63 20.02
N TYR B 25 3.07 -10.36 19.60
CA TYR B 25 1.87 -9.73 18.99
C TYR B 25 1.97 -9.66 17.45
N MET B 26 3.18 -9.67 16.89
CA MET B 26 3.44 -9.31 15.48
C MET B 26 3.92 -10.51 14.67
N ALA B 27 3.54 -10.53 13.39
CA ALA B 27 3.81 -11.57 12.36
C ALA B 27 5.32 -11.68 12.12
N THR B 28 5.74 -12.87 11.65
CA THR B 28 7.14 -13.23 11.30
C THR B 28 7.44 -12.75 9.87
N THR B 29 8.27 -11.71 9.80
CA THR B 29 8.51 -10.87 8.60
C THR B 29 10.01 -10.91 8.32
N THR B 30 10.72 -9.77 8.35
CA THR B 30 12.19 -9.62 8.05
C THR B 30 12.94 -8.97 9.23
N ASN B 31 12.31 -8.91 10.41
CA ASN B 31 12.96 -8.58 11.70
C ASN B 31 13.96 -9.70 12.03
N ASP B 32 15.12 -9.38 12.62
CA ASP B 32 16.09 -10.41 13.11
C ASP B 32 16.62 -10.00 14.48
N PRO B 33 16.11 -10.58 15.60
CA PRO B 33 16.58 -10.17 16.93
C PRO B 33 18.12 -10.30 17.04
N ASN B 34 18.71 -11.19 16.22
CA ASN B 34 20.13 -11.65 16.29
C ASN B 34 21.01 -10.87 15.31
N GLU B 35 20.45 -10.20 14.30
CA GLU B 35 21.30 -9.41 13.37
C GLU B 35 20.91 -7.92 13.39
N TYR B 36 19.64 -7.61 13.60
CA TYR B 36 19.17 -6.23 13.63
C TYR B 36 18.51 -5.88 14.95
N PHE B 37 19.23 -6.02 16.05
CA PHE B 37 18.64 -5.67 17.34
C PHE B 37 18.81 -4.18 17.66
N LEU B 38 18.07 -3.36 16.92
CA LEU B 38 18.09 -1.91 17.09
C LEU B 38 16.65 -1.47 17.31
N VAL B 39 16.39 -0.98 18.50
CA VAL B 39 15.01 -0.56 18.92
C VAL B 39 14.98 0.97 19.02
N ILE B 40 14.34 1.64 18.06
CA ILE B 40 14.40 3.11 17.83
C ILE B 40 13.28 3.81 18.62
N GLU B 41 13.64 4.77 19.49
CA GLU B 41 12.67 5.59 20.27
C GLU B 41 12.45 6.87 19.50
N ARG B 42 13.55 7.56 19.18
CA ARG B 42 13.50 8.84 18.43
C ARG B 42 14.77 8.96 17.59
N ALA B 43 14.85 10.04 16.82
CA ALA B 43 15.96 10.36 15.90
C ALA B 43 16.09 11.88 15.79
N GLU B 44 17.29 12.36 15.45
CA GLU B 44 17.61 13.79 15.24
C GLU B 44 18.84 13.84 14.32
N GLY B 45 18.91 14.79 13.40
CA GLY B 45 20.02 14.86 12.48
C GLY B 45 20.16 13.55 11.70
N VAL B 46 21.36 12.97 11.76
CA VAL B 46 21.64 11.72 11.08
C VAL B 46 21.71 10.52 12.03
N TYR B 47 21.33 10.71 13.28
CA TYR B 47 21.44 9.64 14.26
C TYR B 47 20.16 9.06 14.88
N TRP B 48 20.19 7.74 15.10
CA TRP B 48 19.12 7.04 15.85
C TRP B 48 19.35 7.21 17.35
N ILE B 49 18.34 7.49 18.18
CA ILE B 49 18.46 7.28 19.68
C ILE B 49 17.59 6.06 20.03
N ASP B 50 18.17 5.02 20.62
CA ASP B 50 17.44 3.78 20.98
C ASP B 50 16.82 3.96 22.38
N VAL B 51 15.95 3.03 22.76
CA VAL B 51 15.05 3.05 23.96
C VAL B 51 15.87 3.08 25.27
N ASP B 52 17.13 2.62 25.23
CA ASP B 52 18.08 2.61 26.37
C ASP B 52 18.92 3.90 26.33
N GLY B 53 18.77 4.72 25.28
CA GLY B 53 19.45 6.01 25.07
C GLY B 53 20.81 5.87 24.41
N ASN B 54 21.11 4.67 23.87
CA ASN B 54 22.29 4.43 23.00
C ASN B 54 22.05 5.28 21.75
N VAL B 55 23.10 5.82 21.15
CA VAL B 55 23.01 6.69 19.94
C VAL B 55 23.86 6.09 18.84
N LEU B 56 23.33 5.90 17.63
CA LEU B 56 24.02 5.23 16.48
C LEU B 56 24.05 6.15 15.26
N LEU B 57 25.16 6.21 14.53
CA LEU B 57 25.22 6.92 13.22
C LEU B 57 24.48 6.12 12.17
N ASP B 58 23.64 6.78 11.37
CA ASP B 58 22.76 6.10 10.40
C ASP B 58 23.42 6.05 9.02
N PHE B 59 23.47 4.82 8.48
CA PHE B 59 23.96 4.42 7.15
C PHE B 59 22.94 3.45 6.54
N SER B 60 21.73 3.45 7.09
CA SER B 60 20.67 2.60 6.62
C SER B 60 19.62 3.49 6.00
N SER B 61 19.43 4.65 6.62
CA SER B 61 18.45 5.64 6.19
C SER B 61 17.05 5.05 6.08
N GLY B 62 16.66 4.26 7.08
CA GLY B 62 15.37 3.60 7.09
C GLY B 62 15.12 2.84 5.81
N ILE B 63 16.09 2.02 5.41
CA ILE B 63 15.98 1.22 4.18
C ILE B 63 15.71 2.16 3.00
N GLY B 64 16.53 3.21 2.91
CA GLY B 64 16.43 4.21 1.86
C GLY B 64 15.15 5.02 1.77
N VAL B 65 14.62 5.41 2.93
CA VAL B 65 13.41 6.21 2.98
C VAL B 65 13.65 7.64 3.50
N MET B 66 14.63 7.78 4.37
CA MET B 66 14.97 9.10 4.98
C MET B 66 16.20 9.67 4.27
N ASN B 67 16.11 9.83 2.96
CA ASN B 67 17.13 10.52 2.12
C ASN B 67 17.33 11.95 2.64
N VAL B 68 16.26 12.61 3.07
CA VAL B 68 16.32 14.05 3.48
C VAL B 68 16.69 14.18 4.96
N GLY B 69 17.05 13.08 5.64
CA GLY B 69 17.29 13.08 7.09
C GLY B 69 16.24 12.26 7.82
N LEU B 70 16.59 11.80 9.03
CA LEU B 70 15.72 10.95 9.88
C LEU B 70 14.57 11.80 10.46
N ARG B 71 14.82 13.08 10.72
CA ARG B 71 13.75 14.06 11.07
C ARG B 71 14.13 15.40 10.46
N ASN B 72 13.63 15.65 9.25
CA ASN B 72 13.83 16.92 8.48
C ASN B 72 12.87 17.96 9.03
N PRO B 73 13.39 19.14 9.49
CA PRO B 73 12.54 20.31 9.79
C PRO B 73 11.53 20.78 8.71
N LYS B 74 12.00 20.95 7.46
CA LYS B 74 11.17 21.41 6.32
C LYS B 74 9.95 20.51 6.17
N VAL B 75 10.17 19.19 6.24
CA VAL B 75 9.13 18.15 6.00
C VAL B 75 8.10 18.23 7.11
N ILE B 76 8.54 18.16 8.38
CA ILE B 76 7.63 18.18 9.57
C ILE B 76 6.80 19.48 9.57
N GLU B 77 7.37 20.62 9.14
CA GLU B 77 6.61 21.91 9.06
C GLU B 77 5.54 21.77 7.96
N ALA B 78 5.91 21.24 6.79
CA ALA B 78 5.04 21.07 5.61
C ALA B 78 3.82 20.22 6.01
N ILE B 79 4.06 19.15 6.79
CA ILE B 79 3.01 18.22 7.35
C ILE B 79 2.07 19.04 8.26
N LYS B 80 2.58 19.62 9.35
CA LYS B 80 1.82 20.34 10.42
C LYS B 80 0.98 21.48 9.81
N LYS B 81 1.46 22.11 8.74
CA LYS B 81 0.72 23.17 8.01
C LYS B 81 -0.51 22.54 7.31
N GLN B 82 -0.30 21.37 6.71
CA GLN B 82 -1.31 20.56 5.99
C GLN B 82 -2.32 19.94 7.00
N LEU B 83 -1.88 19.55 8.20
CA LEU B 83 -2.77 19.05 9.30
C LEU B 83 -3.82 20.11 9.70
N ASP B 84 -3.55 21.41 9.45
CA ASP B 84 -4.45 22.55 9.79
C ASP B 84 -5.60 22.65 8.78
N LEU B 85 -5.40 22.09 7.57
CA LEU B 85 -6.33 22.15 6.40
C LEU B 85 -7.16 20.87 6.35
N VAL B 86 -6.50 19.74 6.07
CA VAL B 86 -7.16 18.42 5.80
C VAL B 86 -6.11 17.29 5.70
N LEU B 87 -6.51 16.08 6.06
CA LEU B 87 -5.66 14.86 5.98
C LEU B 87 -6.05 14.07 4.72
N HIS B 88 -7.17 13.35 4.77
CA HIS B 88 -7.68 12.51 3.67
C HIS B 88 -8.80 13.30 3.02
N ALA B 89 -8.93 13.19 1.70
CA ALA B 89 -9.96 13.90 0.95
C ALA B 89 -10.54 13.07 -0.19
N ALA B 90 -10.50 11.74 -0.06
CA ALA B 90 -11.07 10.85 -1.07
C ALA B 90 -10.59 11.15 -2.49
N GLY B 91 -9.29 11.17 -2.68
CA GLY B 91 -8.72 11.54 -3.97
C GLY B 91 -9.18 10.72 -5.14
N THR B 92 -9.40 9.42 -4.95
CA THR B 92 -9.86 8.60 -6.07
C THR B 92 -11.22 9.05 -6.56
N ASP B 93 -12.11 9.40 -5.64
CA ASP B 93 -13.45 9.84 -6.02
C ASP B 93 -13.68 11.36 -6.12
N TYR B 94 -12.99 12.13 -5.29
CA TYR B 94 -13.14 13.58 -5.27
C TYR B 94 -11.81 14.24 -5.53
N TYR B 95 -11.81 15.40 -6.16
CA TYR B 95 -10.54 16.06 -6.42
C TYR B 95 -10.13 17.07 -5.35
N ASN B 96 -8.83 17.12 -5.10
CA ASN B 96 -8.20 18.12 -4.19
C ASN B 96 -7.02 18.70 -4.95
N PRO B 97 -6.58 19.91 -4.62
CA PRO B 97 -5.47 20.56 -5.32
C PRO B 97 -4.10 19.99 -4.98
N TYR B 98 -3.93 19.53 -3.75
CA TYR B 98 -2.65 19.02 -3.31
C TYR B 98 -2.16 17.79 -4.09
N GLN B 99 -3.05 16.86 -4.36
CA GLN B 99 -2.65 15.66 -5.10
C GLN B 99 -2.30 16.02 -6.53
N VAL B 100 -2.93 17.07 -7.04
CA VAL B 100 -2.68 17.54 -8.38
C VAL B 100 -1.34 18.27 -8.45
N GLU B 101 -1.06 19.07 -7.43
CA GLU B 101 0.20 19.79 -7.40
C GLU B 101 1.36 18.81 -7.36
N LEU B 102 1.24 17.80 -6.51
CA LEU B 102 2.28 16.79 -6.38
C LEU B 102 2.40 16.00 -7.66
N ALA B 103 1.27 15.64 -8.23
CA ALA B 103 1.25 14.89 -9.48
C ALA B 103 1.89 15.71 -10.59
N LYS B 104 1.54 16.98 -10.64
CA LYS B 104 2.10 17.89 -11.63
C LYS B 104 3.60 18.03 -11.42
N LYS B 105 4.01 18.13 -10.16
CA LYS B 105 5.41 18.27 -9.82
C LYS B 105 6.21 17.03 -10.24
N LEU B 106 5.64 15.86 -10.00
CA LEU B 106 6.30 14.61 -10.33
C LEU B 106 6.59 14.42 -11.81
N VAL B 107 5.64 14.78 -12.66
CA VAL B 107 5.84 14.66 -14.10
C VAL B 107 6.96 15.55 -14.59
N GLU B 108 7.02 16.75 -14.03
CA GLU B 108 8.03 17.71 -14.40
C GLU B 108 9.45 17.22 -14.14
N ILE B 109 9.65 16.61 -12.98
CA ILE B 109 11.01 16.13 -12.56
C ILE B 109 11.33 14.79 -13.23
N ALA B 110 10.38 14.13 -13.91
CA ALA B 110 10.53 12.77 -14.50
C ALA B 110 11.70 12.73 -15.49
N PRO B 111 12.37 11.56 -15.67
CA PRO B 111 13.46 11.41 -16.64
C PRO B 111 13.00 11.71 -18.07
N GLY B 112 13.92 12.18 -18.89
CA GLY B 112 13.62 12.62 -20.28
C GLY B 112 12.71 13.83 -20.39
N ASP B 113 12.07 13.98 -21.54
CA ASP B 113 11.14 15.12 -21.77
C ASP B 113 10.04 14.65 -22.72
N ILE B 114 9.00 14.02 -22.16
CA ILE B 114 7.83 13.47 -22.90
C ILE B 114 6.56 13.65 -22.07
N GLU B 115 5.40 13.47 -22.69
CA GLU B 115 4.08 13.58 -22.03
C GLU B 115 3.99 12.55 -20.89
N ARG B 116 3.68 12.95 -19.67
CA ARG B 116 3.62 12.04 -18.50
C ARG B 116 2.35 12.28 -17.70
N LYS B 117 1.83 11.21 -17.10
CA LYS B 117 0.78 11.29 -16.07
C LYS B 117 1.27 10.42 -14.91
N VAL B 118 0.45 10.30 -13.89
CA VAL B 118 0.94 9.81 -12.58
C VAL B 118 -0.21 9.13 -11.90
N PHE B 119 -0.03 7.96 -11.30
CA PHE B 119 -1.06 7.30 -10.52
C PHE B 119 -0.48 7.22 -9.12
N LEU B 120 -1.06 7.97 -8.18
CA LEU B 120 -0.60 7.96 -6.79
C LEU B 120 -1.00 6.68 -6.07
N SER B 121 -0.04 6.06 -5.38
CA SER B 121 -0.24 4.81 -4.66
C SER B 121 0.15 4.94 -3.20
N ASN B 122 0.14 3.84 -2.47
CA ASN B 122 0.52 3.87 -1.06
C ASN B 122 1.92 3.30 -0.75
N SER B 123 2.47 2.52 -1.67
CA SER B 123 3.80 1.93 -1.48
C SER B 123 4.47 1.46 -2.77
N GLY B 124 5.73 1.04 -2.65
CA GLY B 124 6.51 0.53 -3.81
C GLY B 124 5.79 -0.58 -4.56
N THR B 125 5.24 -1.57 -3.83
CA THR B 125 4.54 -2.76 -4.38
C THR B 125 3.26 -2.24 -5.04
N GLU B 126 2.55 -1.31 -4.37
CA GLU B 126 1.30 -0.65 -4.86
C GLU B 126 1.59 0.24 -6.09
N ALA B 127 2.84 0.72 -6.20
CA ALA B 127 3.38 1.40 -7.40
C ALA B 127 3.53 0.37 -8.53
N ASN B 128 4.29 -0.69 -8.31
CA ASN B 128 4.67 -1.65 -9.37
C ASN B 128 3.48 -2.51 -9.82
N GLU B 129 2.63 -2.87 -8.86
CA GLU B 129 1.28 -3.41 -9.15
C GLU B 129 0.62 -2.51 -10.20
N ALA B 130 0.64 -1.17 -9.98
CA ALA B 130 0.00 -0.17 -10.88
C ALA B 130 0.72 -0.18 -12.25
N ALA B 131 2.04 -0.15 -12.23
CA ALA B 131 2.84 -0.22 -13.46
C ALA B 131 2.40 -1.45 -14.26
N LEU B 132 2.15 -2.58 -13.58
CA LEU B 132 1.75 -3.84 -14.27
C LEU B 132 0.45 -3.60 -15.05
N LYS B 133 -0.58 -3.13 -14.35
CA LYS B 133 -1.95 -2.91 -14.87
C LYS B 133 -1.89 -1.88 -16.01
N ILE B 134 -1.09 -0.81 -15.85
CA ILE B 134 -0.88 0.22 -16.93
C ILE B 134 -0.22 -0.47 -18.12
N ALA B 135 0.81 -1.27 -17.88
CA ALA B 135 1.52 -2.03 -18.93
C ALA B 135 0.54 -2.96 -19.66
N LYS B 136 -0.22 -3.76 -18.91
CA LYS B 136 -1.24 -4.72 -19.41
C LYS B 136 -2.26 -3.95 -20.23
N TRP B 137 -2.87 -2.88 -19.68
CA TRP B 137 -4.07 -2.22 -20.29
C TRP B 137 -3.70 -1.55 -21.61
N SER B 138 -2.54 -0.88 -21.62
CA SER B 138 -1.96 -0.05 -22.70
C SER B 138 -1.51 -0.89 -23.89
N THR B 139 -0.85 -2.00 -23.61
CA THR B 139 -0.23 -2.85 -24.64
C THR B 139 -1.24 -3.91 -25.11
N ASN B 140 -2.29 -4.15 -24.32
CA ASN B 140 -3.18 -5.35 -24.40
C ASN B 140 -2.33 -6.63 -24.57
N ARG B 141 -1.18 -6.68 -23.90
CA ARG B 141 -0.28 -7.87 -23.75
C ARG B 141 -0.21 -8.24 -22.27
N LYS B 142 -0.10 -9.53 -21.96
CA LYS B 142 -0.18 -10.03 -20.56
C LYS B 142 1.20 -10.41 -19.94
N MET B 143 2.30 -10.49 -20.70
CA MET B 143 3.57 -11.06 -20.18
C MET B 143 4.57 -9.97 -19.76
N PHE B 144 5.59 -10.33 -18.96
CA PHE B 144 6.72 -9.46 -18.55
C PHE B 144 8.01 -10.29 -18.51
N ILE B 145 9.14 -9.61 -18.72
CA ILE B 145 10.52 -10.09 -18.41
C ILE B 145 10.98 -9.35 -17.16
N ALA B 146 11.87 -9.97 -16.38
CA ALA B 146 12.45 -9.41 -15.13
C ALA B 146 13.82 -10.08 -14.95
N PHE B 147 14.55 -9.61 -13.92
CA PHE B 147 15.95 -9.98 -13.76
C PHE B 147 16.07 -10.81 -12.50
N ILE B 148 16.84 -11.89 -12.62
CA ILE B 148 17.21 -12.70 -11.44
C ILE B 148 17.99 -11.73 -10.56
N GLY B 149 17.68 -11.69 -9.26
CA GLY B 149 18.24 -10.72 -8.30
C GLY B 149 17.30 -9.54 -7.98
N ALA B 150 16.28 -9.32 -8.82
CA ALA B 150 15.36 -8.15 -8.73
C ALA B 150 14.49 -8.23 -7.46
N PHE B 151 14.18 -7.09 -6.86
CA PHE B 151 13.11 -6.97 -5.83
C PHE B 151 12.16 -5.81 -6.18
N HIS B 152 10.86 -6.11 -6.27
CA HIS B 152 9.78 -5.21 -6.75
C HIS B 152 8.54 -5.29 -5.83
N GLY B 153 8.64 -5.94 -4.65
CA GLY B 153 7.53 -6.08 -3.69
C GLY B 153 6.97 -7.51 -3.56
N ARG B 154 6.04 -7.66 -2.62
CA ARG B 154 5.68 -8.96 -2.04
C ARG B 154 4.15 -9.18 -2.14
N THR B 155 3.47 -8.52 -3.08
CA THR B 155 2.05 -8.77 -3.43
C THR B 155 2.05 -9.69 -4.68
N HIS B 156 0.89 -10.32 -4.94
CA HIS B 156 0.75 -11.49 -5.88
C HIS B 156 1.15 -11.11 -7.31
N GLY B 157 1.16 -9.83 -7.62
CA GLY B 157 1.73 -9.35 -8.90
C GLY B 157 3.25 -9.38 -8.82
N THR B 158 3.77 -8.46 -8.01
CA THR B 158 5.19 -8.24 -7.78
C THR B 158 6.12 -9.38 -7.41
N MET B 159 5.59 -10.41 -6.76
CA MET B 159 6.41 -11.56 -6.41
C MET B 159 6.84 -12.40 -7.63
N SER B 160 6.00 -12.37 -8.67
CA SER B 160 6.34 -13.00 -9.93
C SER B 160 7.53 -12.18 -10.41
N LEU B 161 7.41 -10.86 -10.34
CA LEU B 161 8.47 -9.96 -10.76
C LEU B 161 9.72 -10.12 -9.91
N THR B 162 9.53 -10.23 -8.59
CA THR B 162 10.66 -10.35 -7.68
C THR B 162 11.41 -11.67 -7.84
N ALA B 163 12.72 -11.62 -7.65
CA ALA B 163 13.56 -12.80 -7.77
C ALA B 163 14.84 -12.64 -6.97
N SER B 164 14.72 -12.39 -5.67
CA SER B 164 15.90 -12.22 -4.83
C SER B 164 16.19 -13.43 -3.94
N LYS B 165 15.16 -14.00 -3.32
CA LYS B 165 15.33 -15.15 -2.44
C LYS B 165 14.12 -16.05 -2.62
N PRO B 166 14.32 -17.38 -2.56
CA PRO B 166 13.15 -18.23 -2.84
C PRO B 166 12.10 -18.07 -1.71
N VAL B 167 12.63 -17.80 -0.49
CA VAL B 167 11.76 -17.78 0.71
C VAL B 167 10.62 -16.81 0.39
N GLN B 168 10.91 -15.73 -0.35
CA GLN B 168 9.91 -14.73 -0.70
C GLN B 168 8.75 -15.36 -1.43
N ARG B 169 9.05 -16.36 -2.24
CA ARG B 169 8.02 -17.05 -3.01
C ARG B 169 7.63 -18.39 -2.41
N SER B 170 8.15 -18.72 -1.23
CA SER B 170 7.82 -20.02 -0.65
C SER B 170 6.34 -20.14 -0.35
N ARG B 171 5.78 -21.23 -0.87
CA ARG B 171 4.37 -21.66 -0.77
C ARG B 171 3.35 -20.70 -1.40
N MET B 172 3.80 -19.81 -2.27
CA MET B 172 2.95 -18.80 -2.85
C MET B 172 2.38 -19.13 -4.23
N PHE B 173 3.07 -19.99 -4.95
CA PHE B 173 2.64 -20.39 -6.27
C PHE B 173 1.24 -20.97 -6.22
N PRO B 174 0.36 -20.53 -7.12
CA PRO B 174 0.63 -19.55 -8.17
C PRO B 174 0.44 -18.10 -7.68
N THR B 175 1.44 -17.26 -8.01
CA THR B 175 1.35 -15.78 -8.16
C THR B 175 1.01 -15.46 -9.63
N MET B 176 0.81 -14.20 -9.97
CA MET B 176 0.56 -13.75 -11.37
C MET B 176 1.42 -14.55 -12.37
N PRO B 177 0.77 -15.24 -13.33
CA PRO B 177 1.49 -15.86 -14.44
C PRO B 177 2.18 -14.86 -15.37
N GLY B 178 2.96 -15.35 -16.35
CA GLY B 178 3.45 -14.55 -17.49
C GLY B 178 4.79 -13.85 -17.27
N VAL B 179 5.33 -13.87 -16.03
CA VAL B 179 6.71 -13.36 -15.76
C VAL B 179 7.68 -14.48 -16.13
N VAL B 180 8.64 -14.15 -17.00
CA VAL B 180 9.87 -14.94 -17.30
C VAL B 180 11.04 -14.10 -16.79
N HIS B 181 12.07 -14.72 -16.22
CA HIS B 181 13.21 -14.00 -15.61
C HIS B 181 14.46 -14.35 -16.38
N VAL B 182 15.55 -13.55 -16.23
CA VAL B 182 16.85 -13.76 -16.95
C VAL B 182 17.94 -13.21 -16.03
N PRO B 183 19.21 -13.62 -16.21
CA PRO B 183 20.33 -13.05 -15.47
C PRO B 183 20.49 -11.54 -15.65
N TYR B 184 20.36 -10.79 -14.55
CA TYR B 184 20.78 -9.37 -14.41
C TYR B 184 22.24 -9.31 -14.82
N PRO B 185 22.68 -8.27 -15.55
CA PRO B 185 24.11 -8.12 -15.87
C PRO B 185 24.88 -7.67 -14.62
N ASN B 186 24.90 -8.51 -13.57
CA ASN B 186 25.82 -8.36 -12.41
C ASN B 186 27.21 -8.53 -13.00
N PRO B 187 28.08 -7.51 -12.84
CA PRO B 187 29.45 -7.62 -13.29
C PRO B 187 30.28 -8.61 -12.45
N TYR B 188 29.86 -8.93 -11.22
CA TYR B 188 30.67 -9.73 -10.27
C TYR B 188 30.23 -11.19 -10.25
N ARG B 189 28.92 -11.45 -10.20
CA ARG B 189 28.30 -12.81 -10.31
C ARG B 189 27.37 -12.87 -11.51
N ASN B 190 27.76 -13.58 -12.56
CA ASN B 190 26.82 -13.92 -13.64
C ASN B 190 27.14 -15.32 -14.08
N PRO B 191 26.20 -16.01 -14.77
CA PRO B 191 26.45 -17.35 -15.29
C PRO B 191 27.57 -17.54 -16.33
N TRP B 192 28.05 -16.47 -16.98
CA TRP B 192 29.10 -16.55 -18.03
C TRP B 192 30.51 -16.39 -17.44
N GLY B 193 30.60 -16.09 -16.13
CA GLY B 193 31.86 -15.83 -15.41
C GLY B 193 32.44 -14.43 -15.66
N ILE B 194 31.93 -13.74 -16.67
CA ILE B 194 32.53 -12.50 -17.25
C ILE B 194 32.86 -11.52 -16.12
N ASP B 195 34.05 -10.94 -16.12
CA ASP B 195 34.33 -9.71 -15.32
C ASP B 195 33.65 -8.53 -16.04
N GLY B 196 32.50 -8.10 -15.53
CA GLY B 196 31.62 -7.07 -16.13
C GLY B 196 32.22 -5.67 -15.99
N TYR B 197 32.99 -5.40 -14.93
CA TYR B 197 33.75 -4.14 -14.71
C TYR B 197 34.80 -4.00 -15.81
N GLU B 198 35.53 -5.09 -16.05
CA GLU B 198 36.60 -5.20 -17.05
C GLU B 198 35.95 -5.19 -18.44
N ASN B 199 34.87 -5.95 -18.65
CA ASN B 199 34.44 -6.33 -20.02
C ASN B 199 32.97 -5.96 -20.25
N PRO B 200 32.53 -4.75 -19.88
CA PRO B 200 31.11 -4.46 -19.75
C PRO B 200 30.28 -4.72 -21.01
N ASP B 201 30.88 -4.73 -22.19
CA ASP B 201 30.12 -4.98 -23.44
C ASP B 201 29.82 -6.49 -23.53
N GLU B 202 30.83 -7.31 -23.30
CA GLU B 202 30.72 -8.79 -23.40
C GLU B 202 29.50 -9.28 -22.59
N LEU B 203 29.35 -8.78 -21.36
CA LEU B 203 28.30 -9.11 -20.38
C LEU B 203 26.94 -8.59 -20.87
N ILE B 204 26.91 -7.35 -21.36
CA ILE B 204 25.69 -6.73 -21.98
C ILE B 204 25.20 -7.63 -23.13
N ASN B 205 26.10 -8.02 -24.05
CA ASN B 205 25.76 -8.90 -25.20
C ASN B 205 25.14 -10.19 -24.68
N ARG B 206 25.90 -10.92 -23.86
CA ARG B 206 25.40 -12.13 -23.19
C ARG B 206 23.92 -11.87 -22.71
N VAL B 207 23.73 -10.90 -21.82
CA VAL B 207 22.39 -10.77 -21.13
C VAL B 207 21.36 -10.60 -22.26
N ILE B 208 21.71 -9.83 -23.31
CA ILE B 208 20.83 -9.51 -24.49
C ILE B 208 20.65 -10.80 -25.33
N ASP B 209 21.76 -11.42 -25.77
CA ASP B 209 21.78 -12.75 -26.46
C ASP B 209 20.80 -13.75 -25.79
N TYR B 210 20.77 -13.77 -24.46
CA TYR B 210 19.90 -14.70 -23.70
C TYR B 210 18.45 -14.44 -24.10
N ILE B 211 17.96 -13.22 -23.81
CA ILE B 211 16.57 -12.73 -24.08
C ILE B 211 16.19 -12.97 -25.57
N GLU B 212 16.99 -12.47 -26.54
CA GLU B 212 16.72 -12.69 -27.98
C GLU B 212 16.71 -14.20 -28.27
N GLU B 213 17.85 -14.89 -28.11
CA GLU B 213 18.10 -16.25 -28.67
C GLU B 213 17.43 -17.36 -27.87
N TYR B 214 17.29 -17.22 -26.55
CA TYR B 214 16.84 -18.30 -25.63
C TYR B 214 15.37 -18.09 -25.19
N LEU B 215 14.84 -16.86 -25.15
CA LEU B 215 13.39 -16.61 -24.91
C LEU B 215 12.65 -16.39 -26.24
N PHE B 216 12.95 -15.28 -26.92
CA PHE B 216 12.21 -14.78 -28.12
C PHE B 216 12.27 -15.77 -29.29
N GLU B 217 13.35 -16.53 -29.42
CA GLU B 217 13.47 -17.47 -30.52
C GLU B 217 12.97 -18.87 -30.18
N HIS B 218 12.75 -19.14 -28.90
CA HIS B 218 12.27 -20.48 -28.53
C HIS B 218 10.92 -20.58 -27.81
N TYR B 219 10.80 -20.02 -26.63
CA TYR B 219 9.53 -20.12 -25.89
C TYR B 219 8.77 -18.86 -25.47
N VAL B 220 9.28 -17.68 -25.78
CA VAL B 220 8.58 -16.44 -25.39
C VAL B 220 8.29 -15.54 -26.58
N PRO B 221 7.02 -15.52 -27.03
CA PRO B 221 6.70 -14.66 -28.17
C PRO B 221 6.98 -13.19 -27.82
N ALA B 222 7.91 -12.55 -28.55
CA ALA B 222 8.35 -11.18 -28.26
C ALA B 222 7.16 -10.22 -28.23
N GLU B 223 6.22 -10.42 -29.14
CA GLU B 223 5.09 -9.48 -29.40
C GLU B 223 3.96 -9.72 -28.38
N GLU B 224 4.08 -10.73 -27.49
CA GLU B 224 3.12 -10.93 -26.38
C GLU B 224 3.68 -10.44 -25.02
N VAL B 225 4.85 -9.76 -24.99
CA VAL B 225 5.50 -9.14 -23.79
C VAL B 225 5.04 -7.66 -23.66
N ALA B 226 4.33 -7.37 -22.59
CA ALA B 226 3.75 -6.05 -22.26
C ALA B 226 4.84 -5.14 -21.72
N GLY B 227 5.83 -5.68 -20.97
CA GLY B 227 6.90 -4.87 -20.33
C GLY B 227 8.14 -5.69 -19.97
N ILE B 228 9.24 -4.97 -19.68
CA ILE B 228 10.48 -5.44 -18.96
C ILE B 228 10.67 -4.59 -17.69
N PHE B 229 10.48 -5.16 -16.49
CA PHE B 229 10.84 -4.50 -15.19
C PHE B 229 12.32 -4.72 -14.84
N PHE B 230 13.03 -3.63 -14.60
CA PHE B 230 14.44 -3.59 -14.16
C PHE B 230 14.61 -2.56 -13.03
N GLU B 231 15.50 -2.85 -12.08
CA GLU B 231 16.09 -1.86 -11.15
C GLU B 231 17.37 -1.36 -11.77
N PRO B 232 17.68 -0.05 -11.70
CA PRO B 232 18.86 0.51 -12.37
C PRO B 232 20.17 0.12 -11.63
N ILE B 233 19.94 -0.29 -10.39
CA ILE B 233 20.88 -0.79 -9.41
C ILE B 233 19.95 -1.66 -8.57
N GLN B 234 20.28 -2.92 -8.32
CA GLN B 234 19.38 -3.79 -7.56
C GLN B 234 19.49 -3.57 -6.07
N GLY B 235 18.42 -3.10 -5.43
CA GLY B 235 18.45 -2.84 -4.00
C GLY B 235 18.64 -3.99 -3.04
N GLU B 236 17.94 -5.09 -3.25
CA GLU B 236 18.04 -6.25 -2.38
C GLU B 236 18.90 -7.34 -3.00
N GLY B 237 19.53 -7.00 -4.10
CA GLY B 237 20.38 -7.91 -4.84
C GLY B 237 21.83 -7.72 -4.48
N GLY B 238 22.10 -6.98 -3.40
CA GLY B 238 23.47 -6.72 -3.03
C GLY B 238 24.06 -5.47 -3.65
N TYR B 239 23.17 -4.54 -4.03
CA TYR B 239 23.56 -3.27 -4.65
C TYR B 239 24.38 -3.43 -5.91
N VAL B 240 23.95 -4.36 -6.75
CA VAL B 240 24.61 -4.64 -8.02
C VAL B 240 24.42 -3.50 -9.01
N VAL B 241 25.53 -2.93 -9.45
CA VAL B 241 25.53 -1.83 -10.46
C VAL B 241 25.83 -2.40 -11.84
N PRO B 242 24.86 -2.30 -12.79
CA PRO B 242 25.01 -2.93 -14.09
C PRO B 242 26.01 -2.13 -14.91
N PRO B 243 26.37 -2.59 -16.13
CA PRO B 243 27.19 -1.80 -17.06
C PRO B 243 26.40 -0.60 -17.60
N LYS B 244 27.09 0.53 -17.83
CA LYS B 244 26.52 1.86 -18.19
C LYS B 244 25.74 1.74 -19.51
N ASN B 245 26.24 1.00 -20.50
CA ASN B 245 25.58 0.87 -21.84
C ASN B 245 24.53 -0.24 -21.87
N PHE B 246 24.15 -0.80 -20.72
CA PHE B 246 23.25 -1.99 -20.66
C PHE B 246 21.84 -1.55 -21.07
N PHE B 247 21.29 -0.57 -20.35
CA PHE B 247 19.87 -0.17 -20.53
C PHE B 247 19.72 0.37 -21.95
N LYS B 248 20.79 0.95 -22.52
CA LYS B 248 20.78 1.44 -23.92
C LYS B 248 20.51 0.25 -24.86
N GLU B 249 21.33 -0.79 -24.79
CA GLU B 249 21.17 -2.05 -25.57
C GLU B 249 19.79 -2.71 -25.38
N LEU B 250 19.27 -2.67 -24.14
CA LEU B 250 17.99 -3.31 -23.72
C LEU B 250 16.79 -2.55 -24.31
N LYS B 251 16.89 -1.21 -24.47
CA LYS B 251 15.86 -0.36 -25.15
C LYS B 251 15.95 -0.64 -26.65
N LYS B 252 17.12 -0.82 -27.24
CA LYS B 252 17.22 -1.15 -28.69
C LYS B 252 16.35 -2.38 -28.91
N LEU B 253 16.52 -3.36 -28.06
CA LEU B 253 15.76 -4.63 -28.21
C LEU B 253 14.26 -4.36 -27.95
N ALA B 254 13.94 -3.64 -26.88
CA ALA B 254 12.56 -3.45 -26.35
C ALA B 254 11.68 -2.80 -27.44
N ASP B 255 12.19 -1.69 -28.05
CA ASP B 255 11.53 -0.89 -29.13
C ASP B 255 11.30 -1.76 -30.38
N LYS B 256 12.20 -2.70 -30.62
CA LYS B 256 12.19 -3.65 -31.79
C LYS B 256 10.92 -4.55 -31.79
N HIS B 257 10.29 -4.72 -30.62
CA HIS B 257 9.13 -5.61 -30.36
C HIS B 257 7.99 -4.87 -29.65
N GLY B 258 8.14 -3.58 -29.47
CA GLY B 258 7.10 -2.73 -28.87
C GLY B 258 6.88 -3.07 -27.42
N ILE B 259 7.95 -3.27 -26.63
CA ILE B 259 7.88 -3.69 -25.19
C ILE B 259 8.30 -2.53 -24.27
N LEU B 260 7.39 -2.14 -23.38
CA LEU B 260 7.63 -1.02 -22.42
C LEU B 260 8.81 -1.38 -21.50
N LEU B 261 9.68 -0.43 -21.21
CA LEU B 261 10.78 -0.62 -20.30
C LEU B 261 10.36 0.08 -19.02
N ILE B 262 10.21 -0.68 -17.95
CA ILE B 262 9.81 -0.11 -16.69
C ILE B 262 11.00 -0.05 -15.75
N ASP B 263 11.26 1.13 -15.21
CA ASP B 263 12.40 1.29 -14.31
C ASP B 263 11.91 1.52 -12.90
N ASP B 264 12.39 0.71 -11.97
CA ASP B 264 11.99 0.79 -10.57
C ASP B 264 12.99 1.59 -9.76
N GLU B 265 12.53 2.72 -9.21
CA GLU B 265 13.40 3.57 -8.42
C GLU B 265 12.91 3.71 -6.99
N VAL B 266 12.11 2.75 -6.55
CA VAL B 266 11.60 2.76 -5.18
C VAL B 266 12.70 2.93 -4.14
N GLN B 267 13.88 2.40 -4.45
CA GLN B 267 15.05 2.56 -3.52
C GLN B 267 16.03 3.61 -4.05
N MET B 268 16.52 3.47 -5.28
CA MET B 268 17.66 4.26 -5.84
C MET B 268 17.20 5.65 -6.31
N GLY B 269 15.91 5.93 -6.20
CA GLY B 269 15.36 7.22 -6.60
C GLY B 269 15.55 8.34 -5.60
N MET B 270 14.88 9.46 -5.87
CA MET B 270 14.97 10.65 -5.03
C MET B 270 16.40 11.12 -4.79
N GLY B 271 17.18 11.15 -5.86
CA GLY B 271 18.55 11.62 -5.83
C GLY B 271 19.51 10.87 -4.93
N ARG B 272 19.22 9.60 -4.69
CA ARG B 272 20.10 8.78 -3.87
C ARG B 272 21.48 8.63 -4.52
N THR B 273 21.50 8.46 -5.83
CA THR B 273 22.75 8.29 -6.56
C THR B 273 23.38 9.58 -7.07
N GLY B 274 22.95 10.71 -6.54
CA GLY B 274 23.52 11.99 -6.94
C GLY B 274 22.79 12.62 -8.11
N ARG B 275 21.75 11.93 -8.55
CA ARG B 275 20.88 12.40 -9.63
C ARG B 275 19.47 12.11 -9.15
N MET B 276 18.49 12.87 -9.62
CA MET B 276 17.13 12.68 -9.14
C MET B 276 16.60 11.28 -9.42
N TRP B 277 16.90 10.77 -10.60
CA TRP B 277 16.50 9.43 -10.96
C TRP B 277 17.75 8.61 -11.21
N ALA B 278 17.74 7.39 -10.70
CA ALA B 278 18.88 6.49 -10.82
C ALA B 278 19.21 6.17 -12.27
N ILE B 279 18.18 6.01 -13.09
CA ILE B 279 18.34 5.67 -14.49
C ILE B 279 19.15 6.71 -15.28
N GLU B 280 18.97 7.98 -14.94
CA GLU B 280 19.67 9.11 -15.57
C GLU B 280 21.15 8.83 -15.85
N HIS B 281 21.83 8.20 -14.90
CA HIS B 281 23.25 7.83 -15.08
C HIS B 281 23.46 6.99 -16.36
N PHE B 282 22.37 6.42 -16.87
CA PHE B 282 22.40 5.38 -17.93
C PHE B 282 21.90 5.97 -19.26
N ASP B 283 21.44 7.23 -19.24
CA ASP B 283 21.10 7.97 -20.49
C ASP B 283 20.09 7.12 -21.34
N ILE B 284 18.92 6.81 -20.72
CA ILE B 284 17.72 6.23 -21.41
C ILE B 284 16.47 6.84 -20.77
N VAL B 285 15.34 6.90 -21.50
CA VAL B 285 14.05 7.34 -20.88
C VAL B 285 13.04 6.17 -20.79
N PRO B 286 12.75 5.68 -19.54
CA PRO B 286 11.76 4.64 -19.28
C PRO B 286 10.31 5.08 -19.54
N ASP B 287 9.46 4.14 -19.94
CA ASP B 287 8.04 4.42 -20.29
C ASP B 287 7.29 4.60 -18.98
N ILE B 288 7.63 3.77 -17.99
CA ILE B 288 7.10 3.91 -16.61
C ILE B 288 8.29 4.04 -15.66
N VAL B 289 8.08 4.81 -14.61
CA VAL B 289 9.01 4.99 -13.46
C VAL B 289 8.17 4.84 -12.20
N THR B 290 8.59 3.94 -11.32
CA THR B 290 7.90 3.72 -10.08
C THR B 290 8.77 4.28 -8.98
N VAL B 291 8.12 4.83 -7.96
CA VAL B 291 8.80 5.40 -6.81
C VAL B 291 7.92 5.31 -5.57
N ALA B 292 8.58 5.27 -4.42
CA ALA B 292 7.96 5.18 -3.10
C ALA B 292 9.04 5.48 -2.09
N LYS B 293 8.84 5.07 -0.83
CA LYS B 293 9.87 5.25 0.18
C LYS B 293 10.31 6.70 0.40
N ALA B 294 11.47 7.02 -0.16
CA ALA B 294 12.12 8.32 0.01
C ALA B 294 11.25 9.53 -0.38
N LEU B 295 10.41 9.39 -1.39
CA LEU B 295 9.54 10.49 -1.79
C LEU B 295 8.61 10.91 -0.65
N GLY B 296 8.09 9.94 0.09
CA GLY B 296 7.23 10.20 1.24
C GLY B 296 7.96 10.96 2.34
N GLY B 297 9.24 10.65 2.53
CA GLY B 297 10.00 11.31 3.57
C GLY B 297 9.39 11.05 4.94
N GLY B 298 9.37 9.78 5.33
CA GLY B 298 8.81 9.38 6.60
C GLY B 298 7.32 9.13 6.58
N ILE B 299 6.72 9.27 5.40
CA ILE B 299 5.29 9.06 5.24
C ILE B 299 5.06 8.04 4.13
N PRO B 300 4.11 7.13 4.33
CA PRO B 300 3.91 6.15 3.25
C PRO B 300 3.45 6.85 1.99
N ILE B 301 4.05 6.53 0.85
CA ILE B 301 3.67 7.14 -0.41
C ILE B 301 3.96 6.23 -1.58
N GLY B 302 3.20 6.38 -2.66
CA GLY B 302 3.40 5.59 -3.85
C GLY B 302 3.24 6.45 -5.08
N ALA B 303 3.99 6.16 -6.15
CA ALA B 303 3.90 6.96 -7.36
C ALA B 303 4.35 6.24 -8.62
N THR B 304 3.41 6.09 -9.56
CA THR B 304 3.70 5.44 -10.86
C THR B 304 3.67 6.52 -11.94
N ILE B 305 4.81 6.80 -12.59
CA ILE B 305 4.96 7.87 -13.63
C ILE B 305 5.04 7.22 -15.01
N PHE B 306 4.20 7.59 -15.95
CA PHE B 306 4.13 6.88 -17.25
C PHE B 306 3.85 7.84 -18.43
N ARG B 307 4.27 7.39 -19.61
CA ARG B 307 3.97 8.06 -20.89
C ARG B 307 2.44 8.22 -21.03
N ALA B 308 2.02 9.44 -21.34
CA ALA B 308 0.59 9.75 -21.44
C ALA B 308 -0.18 8.83 -22.36
N ASP B 309 0.54 8.23 -23.29
CA ASP B 309 -0.04 7.32 -24.26
C ASP B 309 -0.66 6.10 -23.58
N LEU B 310 -0.02 5.63 -22.53
CA LEU B 310 -0.47 4.43 -21.83
C LEU B 310 -1.58 4.56 -20.78
N ASP B 311 -2.20 5.73 -20.65
CA ASP B 311 -3.25 5.92 -19.67
C ASP B 311 -4.48 5.06 -19.96
N PHE B 312 -5.15 4.57 -18.92
CA PHE B 312 -6.35 3.77 -19.10
C PHE B 312 -7.41 4.56 -19.83
N GLY B 313 -7.99 3.97 -20.88
CA GLY B 313 -9.03 4.64 -21.61
C GLY B 313 -10.25 4.93 -20.77
N VAL B 314 -10.62 3.98 -19.91
CA VAL B 314 -11.82 4.14 -19.10
C VAL B 314 -11.62 4.27 -17.59
N SER B 315 -12.70 4.67 -16.93
CA SER B 315 -12.77 4.84 -15.45
C SER B 315 -13.05 3.48 -14.80
N GLY B 316 -12.39 3.21 -13.66
CA GLY B 316 -12.66 2.04 -12.79
C GLY B 316 -11.76 0.84 -13.05
N VAL B 317 -10.71 1.01 -13.85
CA VAL B 317 -9.78 -0.07 -14.08
C VAL B 317 -8.89 -0.14 -12.84
N HIS B 318 -8.28 0.98 -12.47
CA HIS B 318 -7.45 1.04 -11.28
C HIS B 318 -7.77 2.22 -10.36
N SER B 319 -7.84 1.96 -9.05
CA SER B 319 -8.13 3.00 -8.06
C SER B 319 -7.68 2.59 -6.66
N ASN B 320 -7.65 3.54 -5.73
CA ASN B 320 -7.25 3.27 -4.36
C ASN B 320 -7.76 4.35 -3.40
N THR B 321 -8.25 3.93 -2.24
CA THR B 321 -8.79 4.85 -1.25
C THR B 321 -7.80 5.86 -0.66
N PHE B 322 -6.60 5.41 -0.36
CA PHE B 322 -5.59 6.27 0.26
C PHE B 322 -4.70 7.00 -0.74
N GLY B 323 -4.88 6.74 -2.02
CA GLY B 323 -4.06 7.38 -3.03
C GLY B 323 -4.20 8.88 -3.05
N GLY B 324 -3.07 9.56 -3.23
CA GLY B 324 -3.04 11.01 -3.27
C GLY B 324 -3.28 11.65 -1.92
N ASN B 325 -2.76 11.03 -0.86
CA ASN B 325 -2.94 11.58 0.48
C ASN B 325 -2.38 13.00 0.52
N THR B 326 -3.16 13.93 1.08
CA THR B 326 -2.73 15.36 1.11
C THR B 326 -1.56 15.52 2.09
N VAL B 327 -1.57 14.83 3.25
CA VAL B 327 -0.47 14.91 4.26
C VAL B 327 0.82 14.48 3.56
N ALA B 328 0.72 13.36 2.83
CA ALA B 328 1.83 12.68 2.15
C ALA B 328 2.35 13.54 1.00
N ALA B 329 1.45 14.24 0.32
CA ALA B 329 1.74 15.09 -0.83
C ALA B 329 2.51 16.32 -0.35
N ALA B 330 2.10 16.85 0.80
CA ALA B 330 2.72 18.03 1.46
C ALA B 330 4.15 17.67 1.86
N ALA B 331 4.36 16.48 2.42
CA ALA B 331 5.70 15.94 2.78
C ALA B 331 6.55 15.74 1.53
N ALA B 332 5.95 15.16 0.48
CA ALA B 332 6.66 14.86 -0.74
C ALA B 332 7.22 16.08 -1.45
N LEU B 333 6.41 17.13 -1.54
CA LEU B 333 6.85 18.35 -2.20
C LEU B 333 8.02 18.96 -1.45
N ALA B 334 7.93 18.95 -0.12
CA ALA B 334 9.00 19.47 0.72
C ALA B 334 10.26 18.64 0.52
N VAL B 335 10.10 17.33 0.43
CA VAL B 335 11.24 16.45 0.23
C VAL B 335 11.91 16.74 -1.10
N ILE B 336 11.12 16.97 -2.14
CA ILE B 336 11.66 17.24 -3.46
C ILE B 336 12.48 18.51 -3.54
N GLU B 337 12.02 19.55 -2.85
CA GLU B 337 12.71 20.83 -2.86
C GLU B 337 14.11 20.70 -2.28
N GLU B 338 14.22 19.95 -1.18
CA GLU B 338 15.50 19.75 -0.53
C GLU B 338 16.49 19.05 -1.43
N LEU B 339 16.01 18.08 -2.19
CA LEU B 339 16.87 17.34 -3.11
C LEU B 339 17.42 18.26 -4.18
N GLN B 340 16.58 19.16 -4.68
CA GLN B 340 16.99 20.09 -5.71
C GLN B 340 17.74 21.28 -5.16
N ASN B 341 17.52 21.58 -3.89
CA ASN B 341 18.18 22.75 -3.23
C ASN B 341 19.19 22.29 -2.19
N GLY B 342 20.17 21.46 -2.59
CA GLY B 342 21.34 21.08 -1.77
C GLY B 342 21.62 19.58 -1.75
N LEU B 343 20.63 18.73 -1.53
CA LEU B 343 20.85 17.33 -1.07
C LEU B 343 21.41 16.45 -2.20
N ILE B 344 20.93 16.59 -3.43
CA ILE B 344 21.45 15.82 -4.60
C ILE B 344 22.90 16.21 -4.81
N GLU B 345 23.24 17.50 -4.72
CA GLU B 345 24.62 18.02 -4.91
C GLU B 345 25.55 17.32 -3.89
N ASN B 346 25.17 17.36 -2.61
CA ASN B 346 25.92 16.78 -1.45
C ASN B 346 26.29 15.31 -1.69
N ALA B 347 25.44 14.54 -2.40
CA ALA B 347 25.63 13.09 -2.70
C ALA B 347 26.60 12.89 -3.88
N GLN B 348 26.60 13.79 -4.87
CA GLN B 348 27.66 13.80 -5.92
C GLN B 348 29.00 14.08 -5.22
N LYS B 349 29.01 15.09 -4.32
CA LYS B 349 30.20 15.62 -3.61
C LYS B 349 30.84 14.49 -2.79
N LEU B 350 30.06 13.72 -2.02
CA LEU B 350 30.58 12.66 -1.11
C LEU B 350 30.86 11.35 -1.86
N GLU B 351 30.44 11.20 -3.13
CA GLU B 351 30.65 9.97 -3.94
C GLU B 351 32.14 9.57 -3.97
N PRO B 352 33.08 10.49 -4.32
CA PRO B 352 34.49 10.13 -4.39
C PRO B 352 35.03 9.56 -3.06
N LEU B 353 34.65 10.14 -1.92
CA LEU B 353 35.10 9.68 -0.61
C LEU B 353 34.87 8.20 -0.47
N PHE B 354 33.63 7.77 -0.68
CA PHE B 354 33.29 6.36 -0.60
C PHE B 354 34.05 5.59 -1.66
N ARG B 355 34.15 6.14 -2.86
CA ARG B 355 34.87 5.49 -3.93
C ARG B 355 36.31 5.27 -3.49
N GLU B 356 36.89 6.24 -2.79
CA GLU B 356 38.27 6.07 -2.30
C GLU B 356 38.28 5.02 -1.19
N ARG B 357 37.66 5.36 -0.05
N ARG B 357 37.69 5.36 -0.04
CA ARG B 357 37.75 4.64 1.25
CA ARG B 357 37.75 4.63 1.25
C ARG B 357 37.38 3.16 1.06
C ARG B 357 37.42 3.14 1.02
N LEU B 358 36.41 2.86 0.20
CA LEU B 358 35.93 1.47 -0.01
C LEU B 358 36.87 0.73 -0.98
N GLU B 359 37.63 1.42 -1.84
CA GLU B 359 38.70 0.80 -2.69
C GLU B 359 39.95 0.59 -1.84
N GLU B 360 40.19 1.50 -0.88
CA GLU B 360 41.24 1.35 0.18
C GLU B 360 40.94 0.11 1.00
N MET B 361 39.67 -0.12 1.34
CA MET B 361 39.19 -1.27 2.15
C MET B 361 39.32 -2.62 1.39
N LYS B 362 39.00 -2.65 0.09
CA LYS B 362 39.14 -3.84 -0.79
C LYS B 362 40.63 -4.21 -0.92
N GLU B 363 41.52 -3.23 -1.17
CA GLU B 363 42.99 -3.44 -1.26
C GLU B 363 43.50 -4.12 0.03
N LYS B 364 42.95 -3.73 1.19
CA LYS B 364 43.43 -4.14 2.54
C LYS B 364 42.78 -5.46 2.99
N TYR B 365 41.45 -5.59 2.97
CA TYR B 365 40.75 -6.74 3.60
C TYR B 365 40.31 -7.80 2.55
N GLU B 366 40.99 -8.96 2.52
CA GLU B 366 40.76 -10.09 1.57
C GLU B 366 39.30 -10.57 1.62
N ILE B 367 38.59 -10.37 2.75
CA ILE B 367 37.18 -10.82 2.93
C ILE B 367 36.27 -10.10 1.92
N ILE B 368 36.65 -8.88 1.52
CA ILE B 368 35.91 -8.01 0.54
C ILE B 368 36.23 -8.53 -0.87
N GLY B 369 35.21 -9.10 -1.50
CA GLY B 369 35.28 -9.63 -2.88
C GLY B 369 35.09 -8.54 -3.93
N ASP B 370 34.11 -7.64 -3.70
CA ASP B 370 33.68 -6.56 -4.62
C ASP B 370 33.05 -5.38 -3.85
N VAL B 371 33.49 -4.16 -4.14
CA VAL B 371 32.83 -2.88 -3.76
C VAL B 371 32.26 -2.24 -5.04
N ARG B 372 31.15 -1.50 -4.90
CA ARG B 372 30.40 -0.90 -6.05
C ARG B 372 29.36 0.09 -5.50
N GLY B 373 28.99 1.08 -6.32
CA GLY B 373 28.03 2.12 -5.92
C GLY B 373 28.17 3.43 -6.71
N LEU B 374 27.07 4.19 -6.73
CA LEU B 374 26.97 5.57 -7.25
C LEU B 374 26.45 6.46 -6.10
N GLY B 375 26.79 7.74 -6.16
CA GLY B 375 26.28 8.75 -5.21
C GLY B 375 26.51 8.32 -3.77
N LEU B 376 25.41 8.08 -3.04
CA LEU B 376 25.42 7.60 -1.62
C LEU B 376 24.64 6.27 -1.56
N ALA B 377 24.79 5.46 -2.61
CA ALA B 377 24.35 4.06 -2.71
C ALA B 377 25.59 3.15 -2.87
N TRP B 378 26.09 2.59 -1.78
CA TRP B 378 27.28 1.71 -1.80
C TRP B 378 26.91 0.32 -1.30
N GLY B 379 27.61 -0.67 -1.86
CA GLY B 379 27.41 -2.11 -1.61
C GLY B 379 28.74 -2.82 -1.60
N VAL B 380 29.18 -3.24 -0.41
CA VAL B 380 30.35 -4.14 -0.17
C VAL B 380 29.82 -5.57 -0.14
N GLU B 381 30.31 -6.45 -1.03
CA GLU B 381 30.01 -7.91 -0.96
C GLU B 381 31.21 -8.67 -0.37
N PHE B 382 30.91 -9.54 0.58
CA PHE B 382 31.87 -10.33 1.38
C PHE B 382 31.86 -11.78 0.87
N VAL B 383 33.05 -12.29 0.50
CA VAL B 383 33.26 -13.66 -0.07
C VAL B 383 34.26 -14.43 0.82
N LYS B 384 34.00 -15.73 1.01
CA LYS B 384 34.93 -16.66 1.71
C LYS B 384 36.27 -16.60 0.98
N ASP B 385 36.25 -16.90 -0.32
CA ASP B 385 37.43 -16.91 -1.23
C ASP B 385 37.17 -15.94 -2.39
N ARG B 386 38.21 -15.28 -2.92
CA ARG B 386 38.08 -14.28 -4.03
C ARG B 386 37.92 -14.98 -5.39
N LYS B 387 38.34 -16.25 -5.57
CA LYS B 387 38.23 -17.01 -6.84
C LYS B 387 36.92 -17.84 -6.93
N THR B 388 36.57 -18.64 -5.92
CA THR B 388 35.32 -19.47 -5.89
C THR B 388 34.10 -18.59 -5.69
N LYS B 389 34.26 -17.48 -4.91
CA LYS B 389 33.29 -16.37 -4.62
C LYS B 389 32.11 -16.87 -3.77
N GLU B 390 32.27 -17.98 -3.06
CA GLU B 390 31.30 -18.47 -2.05
C GLU B 390 30.92 -17.29 -1.13
N TYR B 391 29.62 -17.15 -0.85
CA TYR B 391 29.07 -16.08 0.02
C TYR B 391 29.71 -16.24 1.41
N ALA B 392 30.09 -15.13 2.06
CA ALA B 392 30.58 -15.05 3.48
C ALA B 392 29.43 -14.58 4.43
N THR B 393 28.24 -15.23 4.20
CA THR B 393 26.94 -14.93 4.86
C THR B 393 27.17 -14.77 6.35
N LYS B 394 27.79 -15.78 6.99
CA LYS B 394 27.95 -15.81 8.48
C LYS B 394 28.76 -14.57 8.87
N GLU B 395 29.76 -14.23 8.06
CA GLU B 395 30.73 -13.14 8.32
C GLU B 395 30.03 -11.79 8.14
N ARG B 396 29.30 -11.63 7.03
CA ARG B 396 28.52 -10.40 6.71
C ARG B 396 27.60 -10.04 7.90
N GLY B 397 26.91 -11.04 8.46
CA GLY B 397 26.01 -10.85 9.61
C GLY B 397 26.77 -10.39 10.85
N GLU B 398 28.02 -10.87 11.01
CA GLU B 398 28.89 -10.53 12.16
C GLU B 398 29.32 -9.06 12.05
N ILE B 399 29.76 -8.64 10.86
CA ILE B 399 30.14 -7.23 10.56
C ILE B 399 28.98 -6.33 10.96
N VAL B 400 27.75 -6.72 10.65
CA VAL B 400 26.57 -5.84 10.89
C VAL B 400 26.43 -5.66 12.41
N VAL B 401 26.69 -6.74 13.16
CA VAL B 401 26.50 -6.82 14.64
C VAL B 401 27.64 -6.00 15.27
N GLU B 402 28.86 -6.18 14.75
CA GLU B 402 30.07 -5.43 15.18
C GLU B 402 29.91 -3.93 14.87
N ALA B 403 29.49 -3.58 13.66
CA ALA B 403 29.25 -2.18 13.27
C ALA B 403 28.31 -1.52 14.31
N LEU B 404 27.33 -2.30 14.83
CA LEU B 404 26.19 -1.86 15.70
C LEU B 404 26.66 -1.68 17.15
N LYS B 405 27.58 -2.52 17.62
CA LYS B 405 28.21 -2.41 18.97
C LYS B 405 29.15 -1.19 18.98
N ARG B 406 29.37 -0.55 17.83
CA ARG B 406 30.26 0.62 17.65
C ARG B 406 29.48 1.83 17.09
N GLY B 407 28.15 1.79 17.16
CA GLY B 407 27.26 2.94 16.91
C GLY B 407 26.99 3.22 15.44
N LEU B 408 26.92 2.17 14.60
CA LEU B 408 26.63 2.27 13.15
C LEU B 408 25.45 1.35 12.75
N ALA B 409 24.32 1.97 12.38
CA ALA B 409 23.16 1.28 11.77
C ALA B 409 23.49 0.98 10.30
N LEU B 410 23.53 -0.31 9.98
CA LEU B 410 23.86 -0.88 8.65
C LEU B 410 22.78 -1.87 8.27
N LEU B 411 22.57 -2.07 6.97
CA LEU B 411 21.62 -3.09 6.48
C LEU B 411 22.39 -4.13 5.66
N GLY B 412 22.14 -5.42 5.93
CA GLY B 412 22.39 -6.51 4.96
C GLY B 412 21.69 -6.23 3.63
N CYS B 413 22.21 -6.83 2.57
CA CYS B 413 21.63 -6.69 1.24
C CYS B 413 22.22 -7.80 0.42
N GLY B 414 21.39 -8.76 0.04
CA GLY B 414 21.85 -9.92 -0.71
C GLY B 414 22.33 -10.99 0.25
N LYS B 415 22.84 -12.09 -0.27
CA LYS B 415 23.29 -13.17 0.60
C LYS B 415 24.48 -12.81 1.50
N SER B 416 25.49 -12.14 0.95
CA SER B 416 26.68 -11.79 1.73
C SER B 416 27.16 -10.34 1.71
N ALA B 417 26.30 -9.39 1.36
CA ALA B 417 26.76 -8.01 1.30
C ALA B 417 26.06 -6.99 2.20
N ILE B 418 26.73 -5.86 2.39
CA ILE B 418 26.24 -4.76 3.21
C ILE B 418 26.06 -3.49 2.37
N ARG B 419 24.94 -2.82 2.58
CA ARG B 419 24.59 -1.56 1.88
C ARG B 419 24.85 -0.37 2.83
N LEU B 420 25.63 0.60 2.33
CA LEU B 420 25.90 1.91 2.97
C LEU B 420 25.04 2.97 2.29
N ILE B 421 24.00 3.42 2.99
CA ILE B 421 23.00 4.40 2.46
C ILE B 421 22.65 5.35 3.59
N PRO B 422 23.56 6.30 3.86
CA PRO B 422 23.28 7.34 4.84
C PRO B 422 22.33 8.39 4.26
N PRO B 423 21.60 9.13 5.11
CA PRO B 423 20.87 10.33 4.68
C PRO B 423 21.79 11.25 3.84
N LEU B 424 21.24 11.91 2.82
CA LEU B 424 21.97 12.79 1.88
C LEU B 424 22.33 14.12 2.59
N ILE B 425 21.74 14.40 3.77
CA ILE B 425 22.17 15.52 4.67
C ILE B 425 23.43 15.14 5.46
N ILE B 426 24.01 13.95 5.30
CA ILE B 426 25.22 13.54 6.06
C ILE B 426 26.39 14.45 5.67
N SER B 427 27.12 14.95 6.68
CA SER B 427 28.30 15.83 6.51
C SER B 427 29.51 14.94 6.15
N GLU B 428 30.55 15.53 5.56
CA GLU B 428 31.80 14.82 5.17
C GLU B 428 32.37 14.13 6.41
N GLU B 429 32.36 14.87 7.54
CA GLU B 429 32.93 14.45 8.86
C GLU B 429 32.16 13.25 9.42
N GLU B 430 30.81 13.25 9.29
CA GLU B 430 29.90 12.14 9.70
C GLU B 430 30.04 10.94 8.74
N ALA B 431 30.41 11.17 7.47
CA ALA B 431 30.63 10.13 6.44
C ALA B 431 31.93 9.38 6.73
N LYS B 432 33.02 10.09 7.02
CA LYS B 432 34.32 9.49 7.43
C LYS B 432 34.13 8.66 8.71
N MET B 433 33.41 9.22 9.70
CA MET B 433 33.26 8.59 11.03
C MET B 433 32.68 7.18 10.90
N GLY B 434 31.60 7.06 10.12
CA GLY B 434 30.83 5.83 9.87
C GLY B 434 31.61 4.82 9.04
N LEU B 435 32.41 5.26 8.06
CA LEU B 435 33.32 4.40 7.26
C LEU B 435 34.43 3.87 8.17
N ASP B 436 34.99 4.73 9.02
CA ASP B 436 36.04 4.33 10.00
C ASP B 436 35.51 3.12 10.78
N ILE B 437 34.30 3.27 11.35
CA ILE B 437 33.60 2.28 12.22
C ILE B 437 33.29 1.03 11.40
N PHE B 438 32.92 1.21 10.11
CA PHE B 438 32.63 0.12 9.13
C PHE B 438 33.90 -0.70 8.89
N GLU B 439 35.02 -0.03 8.61
CA GLU B 439 36.33 -0.71 8.38
C GLU B 439 36.69 -1.51 9.63
N GLU B 440 36.54 -0.91 10.81
CA GLU B 440 36.83 -1.51 12.14
C GLU B 440 36.02 -2.81 12.27
N ALA B 441 34.73 -2.80 11.94
CA ALA B 441 33.84 -3.99 12.07
C ALA B 441 34.33 -5.12 11.15
N ILE B 442 34.70 -4.84 9.89
CA ILE B 442 35.35 -5.81 8.94
C ILE B 442 36.63 -6.36 9.60
N LYS B 443 37.50 -5.46 10.08
CA LYS B 443 38.82 -5.75 10.69
C LYS B 443 38.64 -6.77 11.82
N VAL B 444 37.69 -6.50 12.72
CA VAL B 444 37.42 -7.39 13.88
C VAL B 444 37.11 -8.79 13.32
N VAL B 445 36.11 -8.87 12.45
CA VAL B 445 35.52 -10.15 11.91
C VAL B 445 36.56 -10.83 11.00
N SER B 446 37.44 -10.05 10.35
CA SER B 446 38.59 -10.59 9.57
C SER B 446 39.54 -11.36 10.53
N GLU B 447 40.00 -10.66 11.57
CA GLU B 447 40.89 -11.26 12.57
C GLU B 447 40.29 -12.53 13.17
N ARG B 448 39.12 -12.39 13.78
CA ARG B 448 38.35 -13.51 14.39
C ARG B 448 38.37 -14.75 13.49
N HIS B 449 38.35 -14.62 12.17
CA HIS B 449 38.18 -15.78 11.25
C HIS B 449 39.47 -16.05 10.47
N GLY B 450 40.55 -15.30 10.70
CA GLY B 450 41.85 -15.48 10.01
C GLY B 450 41.75 -15.23 8.50
N TYR B 451 40.96 -14.23 8.10
CA TYR B 451 41.05 -13.64 6.75
C TYR B 451 42.34 -12.80 6.68
N LYS B 452 42.92 -12.71 5.47
CA LYS B 452 44.13 -11.88 5.21
C LYS B 452 43.83 -10.39 5.46
N ILE B 453 44.85 -9.67 5.95
CA ILE B 453 44.90 -8.20 6.14
C ILE B 453 46.24 -7.77 5.54
N HIS B 454 46.23 -7.21 4.33
CA HIS B 454 47.41 -6.80 3.51
C HIS B 454 48.01 -5.50 4.05
#